data_5MU5
#
_entry.id   5MU5
#
_cell.length_a   117.447
_cell.length_b   126.852
_cell.length_c   64.601
_cell.angle_alpha   90.00
_cell.angle_beta   90.00
_cell.angle_gamma   90.00
#
_symmetry.space_group_name_H-M   'P 21 21 2'
#
loop_
_entity.id
_entity.type
_entity.pdbx_description
1 polymer 'Uncharacterized protein'
2 non-polymer 'SULFATE ION'
3 non-polymer 'CHLORIDE ION'
4 non-polymer 'TRIETHYLENE GLYCOL'
5 non-polymer 'TETRAETHYLENE GLYCOL'
6 non-polymer 1,2-ETHANEDIOL
7 water water
#
_entity_poly.entity_id   1
_entity_poly.type   'polypeptide(L)'
_entity_poly.pdbx_seq_one_letter_code
;MAAAPQINAELVTANLEAFLELMPEMGERLRVHRPQSNLVVNEDGDLDVEFRGEFLYGPGGRKRIEDMATRTALGPDHRI
SAAPLSSGHVDLIVKRFLYNILKRATDSGLSFLQHPEESGGFHMVCLGLGLGYQLPILLEQDNPAGIHIVEPNFDFLYHS
LSTVDWRPLLETRRENPLRLNIIIEEEPGQIARQLRSAIRCCCPIVVDWTRLFVAYNSPLLTAAMSEFMRDAQLIGIGLG
FLHDEMEMTRASYKNMRDGRYSILQHSATQLHTPVFIVGSGPSIDDDIEVIKANQDRAVIISCGTASRVLLANGIQPDFQ
MLLENGAAPYRALAAVHEEFGFGSATLIGSNTVDPRVRDLFEDVVYYFRPALSSYALFSPGIEYSLDDSGPTVTNTGTTA
ALALGFRELYLFGVDLGSRNPKRHHSKQSLYRHADDTKDGQKGAMDFDAVFDVREPGNFGGVVYSETIMLWTRDALGRII
GRYRPAANAFNCSDGVMIENTRPLSSQSLRLKSTPDMKAKDLAKVRASFRPGGEELFHDRWDREDWPRSIVTLLGECAQA
MDDHVGDSNRLMLVLSEMLLRDYKQPPTVAQFFVRGTLMMAAMCYDYYVKRVTPADRKAEFWEIIRDEFHQMIRVMTLQV
EWYFDNIEAFESDEELFDKVTGWDYD
;
_entity_poly.pdbx_strand_id   A
#
loop_
_chem_comp.id
_chem_comp.type
_chem_comp.name
_chem_comp.formula
CL non-polymer 'CHLORIDE ION' 'Cl -1'
EDO non-polymer 1,2-ETHANEDIOL 'C2 H6 O2'
PG4 non-polymer 'TETRAETHYLENE GLYCOL' 'C8 H18 O5'
PGE non-polymer 'TRIETHYLENE GLYCOL' 'C6 H14 O4'
SO4 non-polymer 'SULFATE ION' 'O4 S -2'
#
# COMPACT_ATOMS: atom_id res chain seq x y z
N ILE A 7 -9.92 41.23 17.07
CA ILE A 7 -10.38 41.70 15.73
C ILE A 7 -11.34 40.69 15.13
N ASN A 8 -12.57 41.14 14.82
CA ASN A 8 -13.63 40.27 14.31
C ASN A 8 -13.99 39.22 15.37
N ALA A 9 -14.26 39.69 16.58
CA ALA A 9 -14.52 38.80 17.73
C ALA A 9 -15.67 37.82 17.52
N GLU A 10 -16.73 38.24 16.82
CA GLU A 10 -17.88 37.36 16.53
C GLU A 10 -17.47 36.22 15.62
N LEU A 11 -16.69 36.55 14.60
CA LEU A 11 -16.15 35.57 13.67
C LEU A 11 -15.15 34.64 14.36
N VAL A 12 -14.29 35.21 15.21
CA VAL A 12 -13.33 34.41 15.96
C VAL A 12 -14.06 33.39 16.84
N THR A 13 -15.02 33.86 17.62
CA THR A 13 -15.79 33.00 18.49
C THR A 13 -16.51 31.94 17.70
N ALA A 14 -17.20 32.36 16.65
CA ALA A 14 -17.91 31.42 15.77
C ALA A 14 -16.96 30.36 15.16
N ASN A 15 -15.76 30.76 14.72
CA ASN A 15 -14.78 29.79 14.21
C ASN A 15 -14.22 28.89 15.31
N LEU A 16 -13.92 29.45 16.47
CA LEU A 16 -13.37 28.64 17.54
C LEU A 16 -14.38 27.59 17.97
N GLU A 17 -15.64 27.99 18.02
CA GLU A 17 -16.72 27.05 18.36
C GLU A 17 -16.78 25.89 17.37
N ALA A 18 -16.69 26.21 16.08
CA ALA A 18 -16.76 25.20 15.02
C ALA A 18 -15.61 24.20 15.13
N PHE A 19 -14.38 24.68 15.33
CA PHE A 19 -13.27 23.76 15.59
C PHE A 19 -13.53 22.89 16.82
N LEU A 20 -13.98 23.47 17.91
CA LEU A 20 -14.22 22.68 19.12
C LEU A 20 -15.30 21.62 18.92
N GLU A 21 -16.23 21.91 18.04
CA GLU A 21 -17.32 20.99 17.73
C GLU A 21 -16.92 19.91 16.71
N LEU A 22 -16.27 20.33 15.63
CA LEU A 22 -16.02 19.45 14.49
C LEU A 22 -14.59 18.97 14.29
N MET A 23 -13.62 19.58 15.00
CA MET A 23 -12.22 19.13 14.97
C MET A 23 -11.63 19.37 16.36
N PRO A 24 -12.15 18.64 17.37
CA PRO A 24 -11.98 19.06 18.78
C PRO A 24 -10.54 19.26 19.26
N GLU A 25 -9.67 18.30 18.95
CA GLU A 25 -8.26 18.42 19.37
C GLU A 25 -7.63 19.69 18.81
N MET A 26 -7.97 20.05 17.58
CA MET A 26 -7.42 21.25 16.98
C MET A 26 -8.04 22.48 17.65
N GLY A 27 -9.33 22.39 17.92
CA GLY A 27 -10.07 23.43 18.61
C GLY A 27 -9.48 23.66 19.98
N GLU A 28 -9.14 22.58 20.68
CA GLU A 28 -8.63 22.73 22.03
C GLU A 28 -7.27 23.44 21.98
N ARG A 29 -6.48 23.09 20.99
CA ARG A 29 -5.20 23.71 20.81
C ARG A 29 -5.33 25.19 20.45
N LEU A 30 -6.23 25.50 19.53
CA LEU A 30 -6.52 26.91 19.21
C LEU A 30 -6.99 27.72 20.43
N ARG A 31 -7.79 27.11 21.30
CA ARG A 31 -8.35 27.81 22.45
C ARG A 31 -7.25 28.33 23.39
N VAL A 32 -6.21 27.52 23.62
CA VAL A 32 -5.17 27.90 24.59
C VAL A 32 -3.89 28.47 23.96
N HIS A 33 -3.85 28.60 22.64
CA HIS A 33 -2.63 29.04 21.96
C HIS A 33 -2.36 30.52 22.23
N ARG A 34 -1.10 30.85 22.48
CA ARG A 34 -0.63 32.22 22.66
C ARG A 34 0.35 32.52 21.52
N PRO A 35 -0.10 33.17 20.46
CA PRO A 35 0.83 33.35 19.34
C PRO A 35 2.02 34.26 19.66
N GLN A 36 3.15 34.02 18.99
CA GLN A 36 4.30 34.91 19.09
C GLN A 36 4.15 36.04 18.10
N SER A 37 3.44 35.81 17.00
CA SER A 37 3.28 36.82 15.97
C SER A 37 2.08 37.68 16.27
N ASN A 38 1.96 38.80 15.56
CA ASN A 38 0.89 39.77 15.77
C ASN A 38 0.00 39.91 14.57
N LEU A 39 -1.31 39.97 14.79
CA LEU A 39 -2.25 40.22 13.72
C LEU A 39 -2.42 41.72 13.68
N VAL A 40 -2.09 42.35 12.56
CA VAL A 40 -2.18 43.80 12.43
C VAL A 40 -2.87 44.20 11.12
N VAL A 41 -3.41 45.43 11.10
CA VAL A 41 -4.00 45.98 9.89
C VAL A 41 -2.89 46.70 9.13
N ASN A 42 -2.67 46.32 7.87
CA ASN A 42 -1.62 46.97 7.05
C ASN A 42 -2.14 48.26 6.40
N GLU A 43 -1.30 48.94 5.62
CA GLU A 43 -1.67 50.22 4.98
C GLU A 43 -2.83 50.11 4.01
N ASP A 44 -2.93 48.96 3.35
CA ASP A 44 -4.05 48.67 2.45
C ASP A 44 -5.36 48.40 3.24
N GLY A 45 -5.27 48.31 4.57
CA GLY A 45 -6.42 48.00 5.41
C GLY A 45 -6.74 46.50 5.51
N ASP A 46 -5.86 45.67 4.96
CA ASP A 46 -6.03 44.22 5.00
C ASP A 46 -5.36 43.71 6.26
N LEU A 47 -5.90 42.63 6.81
CA LEU A 47 -5.29 42.05 7.99
C LEU A 47 -4.00 41.35 7.55
N ASP A 48 -2.97 41.42 8.38
CA ASP A 48 -1.67 40.86 8.06
C ASP A 48 -1.03 40.32 9.33
N VAL A 49 -0.02 39.48 9.17
CA VAL A 49 0.74 38.91 10.30
C VAL A 49 2.16 39.48 10.34
N GLU A 50 2.45 40.22 11.41
CA GLU A 50 3.75 40.86 11.58
C GLU A 50 4.53 40.11 12.65
N PHE A 51 5.84 40.07 12.46
CA PHE A 51 6.75 39.41 13.40
C PHE A 51 8.16 39.96 13.19
N ARG A 52 8.66 40.68 14.17
CA ARG A 52 9.98 41.30 14.10
C ARG A 52 10.11 42.17 12.85
N GLY A 53 9.09 42.96 12.57
CA GLY A 53 9.08 43.87 11.43
C GLY A 53 8.90 43.22 10.07
N GLU A 54 8.63 41.92 10.02
CA GLU A 54 8.39 41.21 8.76
C GLU A 54 6.91 40.94 8.65
N PHE A 55 6.38 41.08 7.43
CA PHE A 55 4.96 40.90 7.18
C PHE A 55 4.74 39.70 6.27
N LEU A 56 3.72 38.91 6.56
CA LEU A 56 3.40 37.76 5.73
C LEU A 56 3.03 38.22 4.32
N TYR A 57 2.06 39.11 4.23
CA TYR A 57 1.60 39.59 2.94
C TYR A 57 2.29 40.87 2.48
N GLY A 58 2.48 41.83 3.37
CA GLY A 58 3.07 43.11 2.98
C GLY A 58 2.07 43.89 2.13
N PRO A 59 2.47 45.08 1.64
CA PRO A 59 1.50 45.87 0.87
C PRO A 59 1.17 45.20 -0.47
N GLY A 60 -0.12 45.10 -0.78
CA GLY A 60 -0.59 44.41 -1.98
C GLY A 60 -0.41 42.89 -1.98
N GLY A 61 -0.09 42.30 -0.84
CA GLY A 61 0.09 40.85 -0.76
C GLY A 61 -1.21 40.09 -0.89
N ARG A 62 -2.26 40.62 -0.27
CA ARG A 62 -3.58 40.03 -0.36
C ARG A 62 -4.03 40.00 -1.81
N LYS A 63 -3.99 41.15 -2.47
CA LYS A 63 -4.37 41.23 -3.86
C LYS A 63 -3.58 40.26 -4.74
N ARG A 64 -2.28 40.12 -4.47
CA ARG A 64 -1.43 39.22 -5.25
C ARG A 64 -1.88 37.76 -5.11
N ILE A 65 -2.08 37.32 -3.87
CA ILE A 65 -2.46 35.94 -3.61
C ILE A 65 -3.86 35.65 -4.18
N GLU A 66 -4.76 36.62 -4.07
CA GLU A 66 -6.11 36.46 -4.58
C GLU A 66 -6.14 36.39 -6.09
N ASP A 67 -5.27 37.17 -6.74
CA ASP A 67 -5.17 37.18 -8.19
C ASP A 67 -4.59 35.86 -8.71
N MET A 68 -3.64 35.30 -7.96
CA MET A 68 -3.07 34.01 -8.34
C MET A 68 -4.12 32.92 -8.29
N ALA A 69 -4.99 32.94 -7.28
CA ALA A 69 -6.05 31.95 -7.15
C ALA A 69 -7.04 32.09 -8.29
N THR A 70 -7.39 33.33 -8.63
CA THR A 70 -8.27 33.60 -9.76
C THR A 70 -7.67 33.18 -11.10
N ARG A 71 -6.40 33.52 -11.31
CA ARG A 71 -5.70 33.27 -12.58
C ARG A 71 -5.39 31.79 -12.86
N THR A 72 -5.30 30.96 -11.82
CA THR A 72 -4.85 29.57 -11.98
C THR A 72 -5.95 28.50 -11.99
N ALA A 73 -7.18 28.92 -12.26
CA ALA A 73 -8.33 28.01 -12.21
C ALA A 73 -8.26 26.85 -13.20
N LEU A 74 -7.64 27.05 -14.36
CA LEU A 74 -7.72 26.08 -15.46
C LEU A 74 -6.38 25.50 -15.96
N GLY A 75 -5.27 26.13 -15.63
CA GLY A 75 -3.99 25.68 -16.14
C GLY A 75 -3.59 24.34 -15.56
N PRO A 76 -3.09 23.43 -16.38
CA PRO A 76 -2.59 22.15 -15.89
C PRO A 76 -1.34 22.22 -15.01
N ASP A 77 -0.57 23.31 -15.03
CA ASP A 77 0.65 23.40 -14.20
C ASP A 77 0.35 23.25 -12.72
N HIS A 78 -0.81 23.73 -12.30
CA HIS A 78 -1.20 23.76 -10.88
C HIS A 78 -2.22 22.64 -10.53
N ARG A 79 -2.05 21.49 -11.19
CA ARG A 79 -2.95 20.36 -11.08
C ARG A 79 -2.17 19.06 -11.18
N ILE A 80 -2.71 18.01 -10.60
CA ILE A 80 -2.25 16.66 -10.87
C ILE A 80 -2.88 16.27 -12.21
N SER A 81 -2.09 15.69 -13.11
CA SER A 81 -2.59 15.14 -14.39
C SER A 81 -2.15 13.68 -14.51
N ALA A 82 -2.92 12.78 -13.91
CA ALA A 82 -2.62 11.33 -13.93
C ALA A 82 -3.41 10.57 -15.02
N ALA A 83 -2.74 10.23 -16.13
CA ALA A 83 -3.39 9.41 -17.19
C ALA A 83 -3.71 8.01 -16.62
N PRO A 84 -4.71 7.31 -17.19
CA PRO A 84 -5.22 6.08 -16.56
C PRO A 84 -4.46 4.73 -16.74
N LEU A 85 -3.39 4.66 -17.53
CA LEU A 85 -2.64 3.39 -17.70
C LEU A 85 -1.12 3.61 -17.66
N VAL A 90 -3.96 -2.45 -14.18
CA VAL A 90 -5.32 -2.66 -14.76
C VAL A 90 -5.58 -4.15 -15.12
N ASP A 91 -6.76 -4.63 -14.72
CA ASP A 91 -7.16 -6.01 -14.93
C ASP A 91 -8.12 -6.09 -16.11
N LEU A 92 -8.42 -7.31 -16.52
CA LEU A 92 -9.27 -7.56 -17.69
C LEU A 92 -10.66 -6.91 -17.59
N ILE A 93 -11.22 -6.88 -16.40
CA ILE A 93 -12.53 -6.32 -16.22
C ILE A 93 -12.55 -4.82 -16.45
N VAL A 94 -11.57 -4.11 -15.92
CA VAL A 94 -11.51 -2.69 -16.10
C VAL A 94 -11.14 -2.37 -17.53
N LYS A 95 -10.30 -3.21 -18.13
CA LYS A 95 -9.87 -3.03 -19.50
C LYS A 95 -11.07 -3.01 -20.43
N ARG A 96 -11.95 -3.98 -20.26
CA ARG A 96 -13.18 -4.10 -21.04
C ARG A 96 -14.09 -2.88 -20.81
N PHE A 97 -14.24 -2.49 -19.56
CA PHE A 97 -15.04 -1.36 -19.20
C PHE A 97 -14.53 -0.11 -19.92
N LEU A 98 -13.23 0.13 -19.79
CA LEU A 98 -12.61 1.34 -20.33
C LEU A 98 -12.74 1.33 -21.83
N TYR A 99 -12.42 0.20 -22.43
CA TYR A 99 -12.54 0.09 -23.89
C TYR A 99 -13.97 0.46 -24.34
N ASN A 100 -14.98 -0.04 -23.62
CA ASN A 100 -16.37 0.20 -24.05
C ASN A 100 -16.82 1.63 -23.91
N ILE A 101 -16.50 2.28 -22.80
CA ILE A 101 -16.94 3.65 -22.64
C ILE A 101 -16.30 4.53 -23.71
N LEU A 102 -15.04 4.29 -24.03
CA LEU A 102 -14.35 5.11 -25.03
C LEU A 102 -14.84 4.87 -26.43
N LYS A 103 -15.05 3.60 -26.76
CA LYS A 103 -15.55 3.25 -28.06
C LYS A 103 -16.96 3.86 -28.30
N ARG A 104 -17.87 3.72 -27.34
CA ARG A 104 -19.22 4.27 -27.47
C ARG A 104 -19.22 5.80 -27.56
N ALA A 105 -18.38 6.44 -26.76
CA ALA A 105 -18.21 7.88 -26.84
C ALA A 105 -17.69 8.32 -28.21
N THR A 106 -16.62 7.70 -28.70
CA THR A 106 -16.07 8.12 -29.99
C THR A 106 -17.04 7.82 -31.14
N ASP A 107 -17.68 6.65 -31.11
CA ASP A 107 -18.67 6.30 -32.12
C ASP A 107 -19.77 7.35 -32.18
N SER A 108 -20.12 7.94 -31.05
CA SER A 108 -21.20 8.91 -30.98
C SER A 108 -20.76 10.34 -31.31
N GLY A 109 -19.48 10.54 -31.60
CA GLY A 109 -19.02 11.86 -32.02
C GLY A 109 -18.32 12.65 -30.92
N LEU A 110 -18.16 12.04 -29.76
CA LEU A 110 -17.48 12.67 -28.67
C LEU A 110 -15.98 12.42 -28.84
N SER A 111 -15.18 13.35 -28.31
CA SER A 111 -13.75 13.16 -28.23
C SER A 111 -13.26 13.62 -26.86
N PHE A 112 -11.96 13.55 -26.64
CA PHE A 112 -11.40 13.79 -25.32
C PHE A 112 -10.24 14.77 -25.38
N LEU A 113 -10.33 15.86 -24.63
CA LEU A 113 -9.26 16.81 -24.53
C LEU A 113 -8.12 16.21 -23.72
N GLN A 114 -6.91 16.73 -23.93
CA GLN A 114 -5.77 16.32 -23.14
C GLN A 114 -5.98 16.76 -21.69
N HIS A 115 -6.43 17.99 -21.50
CA HIS A 115 -6.64 18.55 -20.16
C HIS A 115 -8.07 18.98 -20.05
N PRO A 116 -8.65 18.90 -18.84
CA PRO A 116 -10.01 19.40 -18.73
C PRO A 116 -10.12 20.91 -19.04
N GLU A 117 -11.23 21.31 -19.64
CA GLU A 117 -11.54 22.74 -19.83
C GLU A 117 -12.37 23.30 -18.68
N GLU A 118 -12.66 22.47 -17.70
CA GLU A 118 -13.48 22.85 -16.56
C GLU A 118 -12.64 22.81 -15.27
N SER A 119 -12.95 23.68 -14.32
CA SER A 119 -12.37 23.61 -12.99
C SER A 119 -13.10 22.50 -12.27
N GLY A 120 -12.44 21.84 -11.33
CA GLY A 120 -13.06 20.75 -10.59
C GLY A 120 -12.06 19.94 -9.77
N GLY A 121 -12.21 18.62 -9.80
CA GLY A 121 -11.33 17.73 -9.03
C GLY A 121 -11.86 17.47 -7.64
N PHE A 122 -11.71 16.23 -7.19
CA PHE A 122 -12.22 15.79 -5.91
C PHE A 122 -11.47 16.43 -4.78
N HIS A 123 -10.13 16.42 -4.88
CA HIS A 123 -9.25 16.90 -3.83
C HIS A 123 -8.68 18.26 -4.12
N MET A 124 -8.46 19.02 -3.08
CA MET A 124 -7.76 20.30 -3.14
C MET A 124 -6.68 20.28 -2.09
N VAL A 125 -5.46 20.62 -2.48
CA VAL A 125 -4.33 20.65 -1.55
C VAL A 125 -3.72 22.05 -1.45
N CYS A 126 -3.75 22.63 -0.26
CA CYS A 126 -3.18 23.94 -0.03
C CYS A 126 -1.92 23.80 0.77
N LEU A 127 -0.81 24.22 0.18
CA LEU A 127 0.47 24.15 0.83
C LEU A 127 0.62 25.54 1.36
N GLY A 128 0.33 25.68 2.64
CA GLY A 128 0.28 26.98 3.27
C GLY A 128 -1.18 27.43 3.36
N LEU A 129 -1.48 28.12 4.45
CA LEU A 129 -2.78 28.75 4.66
C LEU A 129 -2.58 30.25 4.69
N GLY A 130 -1.61 30.69 5.49
CA GLY A 130 -1.46 32.11 5.72
C GLY A 130 -2.73 32.53 6.43
N LEU A 131 -3.32 33.65 6.01
CA LEU A 131 -4.59 34.09 6.54
C LEU A 131 -5.77 33.58 5.75
N GLY A 132 -5.51 32.74 4.76
CA GLY A 132 -6.58 32.07 4.04
C GLY A 132 -7.37 32.89 3.04
N TYR A 133 -6.84 34.05 2.65
CA TYR A 133 -7.48 34.88 1.63
C TYR A 133 -7.76 34.09 0.31
N GLN A 134 -6.91 33.14 -0.03
CA GLN A 134 -7.12 32.33 -1.25
C GLN A 134 -8.32 31.40 -1.18
N LEU A 135 -8.68 30.91 0.00
CA LEU A 135 -9.72 29.86 0.15
C LEU A 135 -11.08 30.11 -0.46
N PRO A 136 -11.74 31.22 -0.14
CA PRO A 136 -13.03 31.45 -0.77
C PRO A 136 -12.97 31.23 -2.27
N ILE A 137 -11.97 31.80 -2.92
CA ILE A 137 -11.85 31.73 -4.39
C ILE A 137 -11.61 30.30 -4.90
N LEU A 138 -10.67 29.58 -4.30
CA LEU A 138 -10.37 28.20 -4.72
C LEU A 138 -11.57 27.28 -4.52
N LEU A 139 -12.30 27.48 -3.43
CA LEU A 139 -13.48 26.67 -3.12
C LEU A 139 -14.59 26.88 -4.11
N GLU A 140 -14.83 28.16 -4.46
CA GLU A 140 -15.84 28.50 -5.45
C GLU A 140 -15.50 27.95 -6.84
N GLN A 141 -14.23 27.94 -7.20
CA GLN A 141 -13.81 27.43 -8.50
C GLN A 141 -13.97 25.93 -8.61
N ASP A 142 -13.45 25.19 -7.63
CA ASP A 142 -13.37 23.74 -7.71
C ASP A 142 -14.42 22.95 -6.95
N ASN A 143 -15.01 23.53 -5.91
CA ASN A 143 -15.94 22.82 -5.04
C ASN A 143 -15.41 21.41 -4.67
N PRO A 144 -14.21 21.34 -4.06
CA PRO A 144 -13.62 20.08 -3.76
C PRO A 144 -14.39 19.32 -2.67
N ALA A 145 -14.29 18.00 -2.67
CA ALA A 145 -14.92 17.18 -1.66
C ALA A 145 -13.91 16.91 -0.54
N GLY A 146 -12.61 16.90 -0.87
CA GLY A 146 -11.53 16.65 0.07
C GLY A 146 -10.61 17.88 0.08
N ILE A 147 -10.39 18.43 1.27
CA ILE A 147 -9.63 19.67 1.40
C ILE A 147 -8.54 19.41 2.42
N HIS A 148 -7.31 19.63 2.00
CA HIS A 148 -6.14 19.30 2.78
C HIS A 148 -5.25 20.51 2.85
N ILE A 149 -5.04 20.98 4.06
CA ILE A 149 -4.31 22.20 4.25
C ILE A 149 -3.09 21.89 5.07
N VAL A 150 -1.94 22.26 4.54
CA VAL A 150 -0.70 22.09 5.24
C VAL A 150 -0.34 23.47 5.72
N GLU A 151 -0.10 23.64 7.01
CA GLU A 151 0.32 24.94 7.51
C GLU A 151 1.34 24.72 8.59
N PRO A 152 2.63 24.91 8.24
CA PRO A 152 3.74 24.70 9.18
C PRO A 152 3.72 25.62 10.39
N ASN A 153 3.13 26.80 10.23
CA ASN A 153 3.14 27.80 11.29
C ASN A 153 1.74 27.89 11.90
N PHE A 154 1.61 27.35 13.11
CA PHE A 154 0.34 27.31 13.80
C PHE A 154 -0.23 28.70 14.07
N ASP A 155 0.63 29.70 14.17
CA ASP A 155 0.16 31.07 14.34
C ASP A 155 -0.76 31.49 13.23
N PHE A 156 -0.43 31.10 12.01
CA PHE A 156 -1.25 31.47 10.86
C PHE A 156 -2.65 30.90 10.95
N LEU A 157 -2.76 29.64 11.37
CA LEU A 157 -4.07 29.05 11.55
C LEU A 157 -4.82 29.82 12.64
N TYR A 158 -4.12 30.10 13.74
CA TYR A 158 -4.70 30.82 14.85
C TYR A 158 -5.22 32.18 14.43
N HIS A 159 -4.41 32.95 13.70
CA HIS A 159 -4.86 34.27 13.21
C HIS A 159 -5.93 34.16 12.15
N SER A 160 -5.94 33.05 11.40
CA SER A 160 -6.94 32.81 10.33
C SER A 160 -8.37 32.77 10.89
N LEU A 161 -8.50 32.56 12.21
CA LEU A 161 -9.78 32.63 12.88
C LEU A 161 -10.41 34.01 12.71
N SER A 162 -9.59 35.03 12.51
CA SER A 162 -10.09 36.37 12.26
C SER A 162 -10.51 36.61 10.80
N THR A 163 -10.08 35.76 9.89
CA THR A 163 -10.21 36.06 8.45
C THR A 163 -10.93 35.05 7.57
N VAL A 164 -11.00 33.80 7.99
CA VAL A 164 -11.63 32.77 7.18
C VAL A 164 -12.99 32.41 7.78
N ASP A 165 -13.94 32.06 6.93
CA ASP A 165 -15.20 31.53 7.39
C ASP A 165 -15.04 30.01 7.48
N TRP A 166 -14.57 29.55 8.64
CA TRP A 166 -14.24 28.15 8.84
C TRP A 166 -15.39 27.15 8.98
N ARG A 167 -16.54 27.60 9.43
CA ARG A 167 -17.64 26.70 9.70
C ARG A 167 -18.10 25.87 8.50
N PRO A 168 -18.32 26.50 7.33
CA PRO A 168 -18.72 25.70 6.18
C PRO A 168 -17.67 24.65 5.81
N LEU A 169 -16.39 24.95 6.02
CA LEU A 169 -15.34 23.96 5.79
C LEU A 169 -15.39 22.83 6.80
N LEU A 170 -15.39 23.19 8.08
CA LEU A 170 -15.44 22.19 9.15
C LEU A 170 -16.71 21.34 9.09
N GLU A 171 -17.81 21.94 8.65
CA GLU A 171 -19.08 21.25 8.50
C GLU A 171 -18.97 20.01 7.60
N THR A 172 -18.03 19.99 6.65
CA THR A 172 -17.79 18.82 5.77
C THR A 172 -17.26 17.60 6.50
N ARG A 173 -16.74 17.79 7.71
CA ARG A 173 -16.27 16.68 8.55
C ARG A 173 -17.38 15.98 9.31
N ARG A 174 -18.57 16.58 9.35
CA ARG A 174 -19.64 16.00 10.13
C ARG A 174 -19.90 14.52 9.83
N GLU A 175 -20.18 14.18 8.57
CA GLU A 175 -20.45 12.78 8.19
C GLU A 175 -19.16 12.01 7.97
N ASN A 176 -18.12 12.69 7.52
CA ASN A 176 -16.85 12.06 7.21
C ASN A 176 -15.67 13.00 7.54
N PRO A 177 -15.04 12.80 8.69
CA PRO A 177 -13.98 13.70 9.11
C PRO A 177 -12.77 13.72 8.21
N LEU A 178 -12.61 12.67 7.41
CA LEU A 178 -11.50 12.56 6.48
C LEU A 178 -11.61 13.49 5.27
N ARG A 179 -12.71 14.22 5.14
CA ARG A 179 -12.82 15.21 4.03
C ARG A 179 -12.10 16.54 4.26
N LEU A 180 -11.71 16.85 5.49
CA LEU A 180 -10.94 18.06 5.79
C LEU A 180 -9.81 17.68 6.71
N ASN A 181 -8.60 17.97 6.28
CA ASN A 181 -7.40 17.67 7.04
C ASN A 181 -6.59 18.94 7.16
N ILE A 182 -6.12 19.24 8.37
CA ILE A 182 -5.23 20.36 8.59
C ILE A 182 -3.97 19.76 9.16
N ILE A 183 -2.85 19.96 8.46
CA ILE A 183 -1.61 19.33 8.78
C ILE A 183 -0.66 20.40 9.26
N ILE A 184 -0.33 20.35 10.54
CA ILE A 184 0.57 21.30 11.16
C ILE A 184 1.91 20.60 11.36
N GLU A 185 2.79 20.72 10.39
CA GLU A 185 4.09 20.03 10.44
C GLU A 185 5.12 20.93 9.79
N GLU A 186 6.34 20.85 10.29
CA GLU A 186 7.47 21.64 9.80
C GLU A 186 8.52 20.83 9.06
N GLU A 187 8.45 19.52 9.13
CA GLU A 187 9.45 18.67 8.52
C GLU A 187 8.94 18.21 7.17
N PRO A 188 9.78 18.24 6.12
CA PRO A 188 9.33 17.76 4.81
C PRO A 188 8.80 16.32 4.87
N GLY A 189 9.57 15.42 5.51
CA GLY A 189 9.20 14.01 5.66
C GLY A 189 7.82 13.81 6.24
N GLN A 190 7.52 14.53 7.32
CA GLN A 190 6.21 14.45 7.96
C GLN A 190 5.12 15.05 7.12
N ILE A 191 5.41 16.16 6.45
CA ILE A 191 4.40 16.76 5.59
C ILE A 191 3.98 15.75 4.52
N ALA A 192 4.99 15.15 3.86
CA ALA A 192 4.78 14.19 2.80
C ALA A 192 3.96 13.01 3.28
N ARG A 193 4.31 12.45 4.42
CA ARG A 193 3.56 11.31 4.98
C ARG A 193 2.09 11.63 5.27
N GLN A 194 1.85 12.82 5.80
CA GLN A 194 0.51 13.22 6.23
C GLN A 194 -0.38 13.53 5.06
N LEU A 195 0.20 14.18 4.05
CA LEU A 195 -0.53 14.48 2.80
C LEU A 195 -0.93 13.19 2.12
N ARG A 196 0.02 12.27 2.00
CA ARG A 196 -0.25 10.96 1.39
C ARG A 196 -1.35 10.28 2.14
N SER A 197 -1.27 10.31 3.46
CA SER A 197 -2.25 9.67 4.31
C SER A 197 -3.63 10.36 4.21
N ALA A 198 -3.62 11.68 4.10
CA ALA A 198 -4.89 12.42 3.97
C ALA A 198 -5.63 12.05 2.68
N ILE A 199 -4.88 11.93 1.58
CA ILE A 199 -5.47 11.54 0.30
C ILE A 199 -5.88 10.07 0.32
N ARG A 200 -5.00 9.25 0.87
CA ARG A 200 -5.21 7.82 0.90
C ARG A 200 -6.43 7.41 1.69
N CYS A 201 -6.69 8.12 2.78
CA CYS A 201 -7.80 7.78 3.68
C CYS A 201 -9.15 8.39 3.30
N CYS A 202 -9.10 9.48 2.54
CA CYS A 202 -10.32 10.11 2.11
C CYS A 202 -10.81 9.48 0.84
N CYS A 203 -10.01 9.50 -0.21
CA CYS A 203 -10.40 8.89 -1.47
C CYS A 203 -9.23 8.83 -2.44
N PRO A 204 -8.37 7.82 -2.28
CA PRO A 204 -7.11 7.87 -2.99
C PRO A 204 -7.23 7.80 -4.52
N ILE A 205 -8.28 7.16 -4.99
CA ILE A 205 -8.31 6.83 -6.39
C ILE A 205 -8.50 7.99 -7.38
N VAL A 206 -9.14 9.08 -6.97
CA VAL A 206 -9.43 10.17 -7.92
C VAL A 206 -8.57 11.38 -7.72
N VAL A 207 -7.26 11.17 -7.70
CA VAL A 207 -6.36 12.32 -7.58
C VAL A 207 -6.31 13.16 -8.83
N ASP A 208 -6.81 12.66 -9.95
CA ASP A 208 -6.74 13.43 -11.20
C ASP A 208 -7.35 14.83 -11.06
N TRP A 209 -6.59 15.83 -11.50
CA TRP A 209 -7.03 17.22 -11.55
C TRP A 209 -7.18 17.85 -10.18
N THR A 210 -6.49 17.28 -9.20
CA THR A 210 -6.36 17.86 -7.88
C THR A 210 -5.71 19.24 -8.02
N ARG A 211 -6.36 20.26 -7.46
CA ARG A 211 -5.81 21.60 -7.43
C ARG A 211 -4.72 21.68 -6.37
N LEU A 212 -3.57 22.22 -6.78
CA LEU A 212 -2.46 22.47 -5.89
C LEU A 212 -2.27 23.98 -5.76
N PHE A 213 -1.99 24.48 -4.55
CA PHE A 213 -1.83 25.90 -4.32
C PHE A 213 -0.89 26.17 -3.15
N VAL A 214 0.09 27.04 -3.38
CA VAL A 214 1.07 27.40 -2.39
C VAL A 214 0.66 28.77 -1.89
N ALA A 215 0.36 28.89 -0.59
CA ALA A 215 -0.18 30.14 -0.04
C ALA A 215 0.81 31.29 0.11
N TYR A 216 2.07 30.98 0.38
CA TYR A 216 3.10 31.98 0.53
C TYR A 216 4.41 31.31 0.15
N ASN A 217 5.46 32.10 0.05
CA ASN A 217 6.76 31.58 -0.39
C ASN A 217 7.49 30.89 0.72
N SER A 218 7.95 29.68 0.41
CA SER A 218 8.62 28.85 1.38
C SER A 218 9.32 27.75 0.64
N PRO A 219 10.63 27.61 0.80
CA PRO A 219 11.25 26.40 0.23
C PRO A 219 10.55 25.08 0.69
N LEU A 220 10.15 25.02 1.95
CA LEU A 220 9.44 23.88 2.51
C LEU A 220 8.15 23.57 1.75
N LEU A 221 7.33 24.60 1.50
CA LEU A 221 6.05 24.39 0.83
C LEU A 221 6.24 24.04 -0.63
N THR A 222 7.20 24.68 -1.27
CA THR A 222 7.47 24.37 -2.68
C THR A 222 7.92 22.93 -2.89
N ALA A 223 8.83 22.47 -2.04
CA ALA A 223 9.31 21.09 -2.11
C ALA A 223 8.19 20.09 -1.81
N ALA A 224 7.34 20.41 -0.85
CA ALA A 224 6.23 19.52 -0.53
C ALA A 224 5.28 19.38 -1.70
N MET A 225 5.06 20.47 -2.43
CA MET A 225 4.20 20.39 -3.61
C MET A 225 4.81 19.50 -4.69
N SER A 226 6.10 19.68 -4.98
CA SER A 226 6.79 18.81 -5.95
C SER A 226 6.73 17.36 -5.53
N GLU A 227 6.99 17.10 -4.26
CA GLU A 227 6.96 15.74 -3.76
C GLU A 227 5.56 15.20 -3.93
N PHE A 228 4.54 15.94 -3.52
CA PHE A 228 3.19 15.44 -3.67
C PHE A 228 2.84 15.12 -5.14
N MET A 229 3.26 15.96 -6.08
CA MET A 229 3.02 15.73 -7.52
C MET A 229 3.62 14.45 -8.06
N ARG A 230 4.80 14.09 -7.56
CA ARG A 230 5.40 12.80 -7.89
C ARG A 230 4.69 11.65 -7.16
N ASP A 231 4.32 11.88 -5.90
CA ASP A 231 3.64 10.89 -5.06
C ASP A 231 2.18 10.57 -5.44
N ALA A 232 1.50 11.54 -6.04
CA ALA A 232 0.03 11.45 -6.21
C ALA A 232 -0.44 10.24 -6.98
N GLN A 233 0.19 9.98 -8.11
CA GLN A 233 -0.13 8.81 -8.93
C GLN A 233 0.00 7.43 -8.22
N LEU A 234 0.92 7.32 -7.26
CA LEU A 234 1.15 6.04 -6.58
C LEU A 234 0.19 5.76 -5.42
N ILE A 235 -0.48 6.79 -4.91
CA ILE A 235 -1.30 6.64 -3.70
C ILE A 235 -2.46 5.68 -3.87
N GLY A 236 -3.09 5.70 -5.04
CA GLY A 236 -4.24 4.84 -5.31
C GLY A 236 -3.91 3.51 -5.96
N ILE A 237 -2.71 2.98 -5.71
CA ILE A 237 -2.27 1.74 -6.34
C ILE A 237 -2.26 0.65 -5.31
N GLY A 238 -2.27 -0.60 -5.75
CA GLY A 238 -2.10 -1.71 -4.84
C GLY A 238 -3.34 -2.43 -4.38
N LEU A 239 -4.55 -1.95 -4.75
CA LEU A 239 -5.77 -2.70 -4.40
C LEU A 239 -5.82 -3.91 -5.30
N GLY A 240 -6.06 -5.06 -4.72
CA GLY A 240 -6.11 -6.28 -5.47
C GLY A 240 -7.31 -6.35 -6.39
N PHE A 241 -7.08 -6.94 -7.54
CA PHE A 241 -8.09 -7.12 -8.56
C PHE A 241 -8.88 -8.41 -8.37
N LEU A 242 -10.11 -8.40 -8.83
CA LEU A 242 -11.01 -9.51 -8.65
C LEU A 242 -10.35 -10.86 -8.93
N HIS A 243 -9.71 -10.99 -10.07
CA HIS A 243 -9.19 -12.31 -10.48
C HIS A 243 -8.03 -12.78 -9.65
N ASP A 244 -7.19 -11.85 -9.20
CA ASP A 244 -6.09 -12.22 -8.29
C ASP A 244 -6.68 -12.60 -6.92
N GLU A 245 -7.73 -11.93 -6.48
CA GLU A 245 -8.33 -12.29 -5.21
C GLU A 245 -8.98 -13.65 -5.31
N MET A 246 -9.53 -13.98 -6.48
CA MET A 246 -10.07 -15.32 -6.70
C MET A 246 -8.97 -16.35 -6.54
N GLU A 247 -7.82 -16.10 -7.16
CA GLU A 247 -6.71 -17.04 -7.04
C GLU A 247 -6.17 -17.20 -5.62
N MET A 248 -6.10 -16.11 -4.86
CA MET A 248 -5.55 -16.15 -3.51
C MET A 248 -6.45 -17.00 -2.64
N THR A 249 -7.74 -16.75 -2.75
CA THR A 249 -8.74 -17.42 -1.96
C THR A 249 -8.86 -18.89 -2.39
N ARG A 250 -8.71 -19.18 -3.69
CA ARG A 250 -8.72 -20.56 -4.15
C ARG A 250 -7.52 -21.34 -3.59
N ALA A 251 -6.33 -20.74 -3.69
CA ALA A 251 -5.12 -21.36 -3.15
C ALA A 251 -5.33 -21.67 -1.67
N SER A 252 -5.76 -20.67 -0.92
CA SER A 252 -5.92 -20.82 0.52
C SER A 252 -6.99 -21.86 0.84
N TYR A 253 -8.08 -21.83 0.10
CA TYR A 253 -9.15 -22.80 0.27
C TYR A 253 -8.58 -24.20 0.12
N LYS A 254 -7.87 -24.45 -0.97
CA LYS A 254 -7.33 -25.79 -1.23
C LYS A 254 -6.25 -26.18 -0.25
N ASN A 255 -5.45 -25.22 0.17
CA ASN A 255 -4.41 -25.49 1.13
C ASN A 255 -4.95 -25.93 2.49
N MET A 256 -6.11 -25.45 2.87
CA MET A 256 -6.64 -25.70 4.20
C MET A 256 -7.76 -26.70 4.30
N ARG A 257 -8.36 -27.03 3.16
CA ARG A 257 -9.50 -27.93 3.07
C ARG A 257 -9.22 -29.28 3.71
N ASP A 258 -8.17 -29.94 3.23
CA ASP A 258 -7.84 -31.33 3.57
C ASP A 258 -6.46 -31.48 4.17
N GLY A 259 -6.17 -32.70 4.57
CA GLY A 259 -4.83 -33.13 4.93
C GLY A 259 -4.11 -32.46 6.08
N ARG A 260 -2.92 -32.99 6.33
CA ARG A 260 -2.09 -32.49 7.38
C ARG A 260 -1.45 -31.16 6.93
N TYR A 261 -1.50 -30.19 7.84
CA TYR A 261 -0.71 -29.01 7.73
C TYR A 261 -0.76 -28.42 9.11
N SER A 262 0.14 -27.49 9.36
CA SER A 262 0.17 -26.75 10.60
C SER A 262 0.21 -25.25 10.30
N ILE A 263 0.05 -24.45 11.35
CA ILE A 263 -0.06 -23.02 11.26
C ILE A 263 1.03 -22.40 12.10
N LEU A 264 1.72 -21.42 11.54
CA LEU A 264 2.79 -20.72 12.24
C LEU A 264 2.25 -19.82 13.36
N GLN A 265 2.99 -19.78 14.47
CA GLN A 265 2.62 -19.02 15.67
C GLN A 265 3.86 -18.27 16.18
N HIS A 266 3.67 -17.05 16.66
CA HIS A 266 4.75 -16.26 17.23
C HIS A 266 5.10 -16.82 18.57
N SER A 267 6.39 -16.85 18.88
CA SER A 267 6.87 -17.37 20.14
C SER A 267 7.23 -16.23 21.07
N ALA A 268 6.83 -16.36 22.33
CA ALA A 268 7.18 -15.37 23.35
C ALA A 268 8.67 -15.45 23.71
N THR A 269 9.22 -16.67 23.72
CA THR A 269 10.58 -16.90 24.19
C THR A 269 11.62 -17.06 23.08
N GLN A 270 12.87 -16.87 23.47
CA GLN A 270 13.98 -16.86 22.55
C GLN A 270 14.63 -18.23 22.44
N LEU A 271 15.17 -18.51 21.27
CA LEU A 271 15.89 -19.74 21.03
C LEU A 271 17.33 -19.32 20.82
N HIS A 272 18.26 -20.06 21.38
CA HIS A 272 19.67 -19.72 21.27
C HIS A 272 20.42 -20.39 20.11
N THR A 273 19.83 -21.36 19.44
CA THR A 273 20.50 -21.94 18.27
C THR A 273 20.54 -20.86 17.18
N PRO A 274 21.70 -20.67 16.54
CA PRO A 274 21.71 -19.69 15.47
C PRO A 274 20.97 -20.19 14.26
N VAL A 275 20.52 -19.26 13.43
CA VAL A 275 19.85 -19.60 12.20
C VAL A 275 20.62 -18.99 11.02
N PHE A 276 20.76 -19.78 9.96
CA PHE A 276 21.34 -19.34 8.72
C PHE A 276 20.23 -19.13 7.73
N ILE A 277 20.07 -17.89 7.28
CA ILE A 277 19.05 -17.51 6.31
C ILE A 277 19.76 -17.39 4.99
N VAL A 278 19.34 -18.19 4.03
CA VAL A 278 20.04 -18.33 2.79
C VAL A 278 19.19 -17.89 1.62
N GLY A 279 19.64 -16.84 0.93
CA GLY A 279 18.98 -16.36 -0.28
C GLY A 279 19.67 -16.89 -1.53
N SER A 280 19.21 -16.41 -2.67
CA SER A 280 19.72 -16.86 -3.96
C SER A 280 20.83 -16.02 -4.58
N GLY A 281 21.43 -15.12 -3.82
CA GLY A 281 22.55 -14.33 -4.34
C GLY A 281 23.79 -15.16 -4.62
N PRO A 282 24.50 -14.91 -5.74
CA PRO A 282 25.68 -15.71 -6.11
C PRO A 282 26.91 -15.61 -5.20
N SER A 283 26.98 -14.63 -4.29
CA SER A 283 28.11 -14.59 -3.36
C SER A 283 28.17 -15.83 -2.45
N ILE A 284 27.10 -16.61 -2.40
CA ILE A 284 27.02 -17.84 -1.60
C ILE A 284 28.21 -18.80 -1.84
N ASP A 285 28.75 -18.87 -3.06
CA ASP A 285 29.81 -19.85 -3.33
C ASP A 285 31.06 -19.68 -2.43
N ASP A 286 31.31 -18.46 -1.96
CA ASP A 286 32.39 -18.23 -1.00
C ASP A 286 32.09 -18.84 0.36
N ASP A 287 30.81 -18.92 0.73
CA ASP A 287 30.41 -19.30 2.08
C ASP A 287 29.87 -20.74 2.18
N ILE A 288 29.79 -21.45 1.06
CA ILE A 288 29.21 -22.78 1.05
C ILE A 288 29.89 -23.73 2.02
N GLU A 289 31.21 -23.70 2.07
CA GLU A 289 31.92 -24.63 2.97
C GLU A 289 31.63 -24.36 4.44
N VAL A 290 31.49 -23.08 4.80
CA VAL A 290 31.22 -22.72 6.19
C VAL A 290 29.80 -23.14 6.58
N ILE A 291 28.86 -22.96 5.67
CA ILE A 291 27.49 -23.36 5.94
C ILE A 291 27.46 -24.87 6.13
N LYS A 292 28.19 -25.58 5.28
CA LYS A 292 28.23 -27.04 5.32
C LYS A 292 28.84 -27.55 6.63
N ALA A 293 29.94 -26.93 7.03
CA ALA A 293 30.65 -27.31 8.26
C ALA A 293 29.86 -26.98 9.52
N ASN A 294 28.85 -26.13 9.41
CA ASN A 294 28.07 -25.74 10.59
C ASN A 294 26.62 -26.22 10.59
N GLN A 295 26.15 -26.87 9.54
CA GLN A 295 24.74 -27.22 9.45
C GLN A 295 24.28 -28.14 10.56
N ASP A 296 25.20 -28.87 11.17
CA ASP A 296 24.85 -29.74 12.30
C ASP A 296 24.43 -28.97 13.58
N ARG A 297 24.86 -27.72 13.72
CA ARG A 297 24.53 -26.90 14.89
C ARG A 297 23.90 -25.53 14.60
N ALA A 298 23.34 -25.36 13.41
CA ALA A 298 22.58 -24.17 13.07
C ALA A 298 21.33 -24.56 12.30
N VAL A 299 20.29 -23.76 12.41
CA VAL A 299 19.07 -24.05 11.67
C VAL A 299 19.22 -23.42 10.29
N ILE A 300 19.02 -24.20 9.23
CA ILE A 300 19.14 -23.69 7.87
C ILE A 300 17.76 -23.32 7.33
N ILE A 301 17.57 -22.04 7.04
CA ILE A 301 16.35 -21.56 6.44
C ILE A 301 16.69 -21.20 4.99
N SER A 302 16.11 -21.99 4.07
CA SER A 302 16.35 -21.83 2.66
C SER A 302 15.23 -20.99 2.11
N CYS A 303 15.59 -19.92 1.42
CA CYS A 303 14.60 -19.00 0.88
C CYS A 303 14.41 -19.23 -0.62
N GLY A 304 13.24 -19.71 -1.00
CA GLY A 304 12.93 -19.97 -2.41
C GLY A 304 14.00 -20.79 -3.13
N THR A 305 14.56 -20.23 -4.20
CA THR A 305 15.50 -20.94 -5.08
C THR A 305 16.87 -21.23 -4.52
N ALA A 306 17.16 -20.68 -3.34
CA ALA A 306 18.40 -20.99 -2.62
C ALA A 306 18.57 -22.48 -2.36
N SER A 307 17.47 -23.21 -2.34
CA SER A 307 17.50 -24.64 -2.04
C SER A 307 18.38 -25.42 -3.01
N ARG A 308 18.38 -25.00 -4.28
CA ARG A 308 19.17 -25.65 -5.31
C ARG A 308 20.65 -25.74 -4.94
N VAL A 309 21.25 -24.62 -4.54
CA VAL A 309 22.69 -24.59 -4.23
C VAL A 309 22.99 -25.31 -2.90
N LEU A 310 22.09 -25.22 -1.93
CA LEU A 310 22.28 -25.94 -0.69
C LEU A 310 22.24 -27.44 -0.98
N LEU A 311 21.19 -27.90 -1.64
CA LEU A 311 21.04 -29.33 -1.89
C LEU A 311 22.13 -29.91 -2.79
N ALA A 312 22.50 -29.21 -3.85
CA ALA A 312 23.58 -29.67 -4.73
C ALA A 312 24.90 -29.86 -3.95
N ASN A 313 25.10 -29.10 -2.87
CA ASN A 313 26.30 -29.22 -2.03
C ASN A 313 26.14 -30.10 -0.79
N GLY A 314 25.04 -30.85 -0.72
CA GLY A 314 24.78 -31.71 0.40
C GLY A 314 24.49 -30.97 1.68
N ILE A 315 23.70 -29.90 1.58
CA ILE A 315 23.29 -29.15 2.76
C ILE A 315 21.80 -29.33 2.88
N GLN A 316 21.34 -29.80 4.03
CA GLN A 316 19.92 -30.05 4.25
C GLN A 316 19.23 -28.82 4.87
N PRO A 317 18.35 -28.14 4.11
CA PRO A 317 17.55 -27.13 4.78
C PRO A 317 16.66 -27.73 5.86
N ASP A 318 16.50 -27.02 6.96
CA ASP A 318 15.56 -27.42 8.00
C ASP A 318 14.20 -26.88 7.60
N PHE A 319 14.20 -25.66 7.08
CA PHE A 319 12.98 -25.04 6.57
C PHE A 319 13.19 -24.54 5.18
N GLN A 320 12.16 -24.71 4.35
CA GLN A 320 12.14 -24.18 3.00
C GLN A 320 11.00 -23.14 2.96
N MET A 321 11.34 -21.92 2.52
CA MET A 321 10.37 -20.83 2.52
C MET A 321 9.83 -20.58 1.13
N LEU A 322 8.53 -20.30 1.08
CA LEU A 322 7.88 -19.93 -0.16
C LEU A 322 6.89 -18.82 0.13
N LEU A 323 7.00 -17.72 -0.63
CA LEU A 323 6.10 -16.56 -0.49
C LEU A 323 5.07 -16.51 -1.62
N GLU A 324 5.55 -16.63 -2.85
CA GLU A 324 4.72 -16.43 -4.03
C GLU A 324 3.64 -17.45 -4.28
N ASN A 325 2.51 -16.95 -4.74
CA ASN A 325 1.44 -17.76 -5.27
C ASN A 325 1.80 -18.12 -6.72
N GLY A 326 1.14 -19.10 -7.30
CA GLY A 326 1.34 -19.34 -8.73
C GLY A 326 2.05 -20.62 -9.12
N ALA A 327 1.76 -21.04 -10.35
CA ALA A 327 2.29 -22.29 -10.84
C ALA A 327 3.79 -22.23 -11.10
N ALA A 328 4.30 -21.07 -11.50
CA ALA A 328 5.72 -20.92 -11.83
C ALA A 328 6.65 -21.17 -10.61
N PRO A 329 6.42 -20.47 -9.47
CA PRO A 329 7.17 -20.81 -8.26
C PRO A 329 7.06 -22.29 -7.90
N TYR A 330 5.87 -22.87 -8.05
CA TYR A 330 5.74 -24.30 -7.79
C TYR A 330 6.61 -25.13 -8.74
N ARG A 331 6.56 -24.82 -10.04
CA ARG A 331 7.30 -25.63 -11.02
C ARG A 331 8.79 -25.54 -10.74
N ALA A 332 9.27 -24.38 -10.30
CA ALA A 332 10.69 -24.23 -9.95
C ALA A 332 11.05 -25.13 -8.74
N LEU A 333 10.24 -25.07 -7.70
CA LEU A 333 10.44 -25.95 -6.55
C LEU A 333 10.38 -27.41 -6.91
N ALA A 334 9.40 -27.79 -7.73
CA ALA A 334 9.26 -29.18 -8.15
C ALA A 334 10.48 -29.71 -8.88
N ALA A 335 11.08 -28.89 -9.75
CA ALA A 335 12.30 -29.26 -10.49
C ALA A 335 13.47 -29.56 -9.52
N VAL A 336 13.58 -28.77 -8.46
CA VAL A 336 14.62 -28.99 -7.45
C VAL A 336 14.35 -30.29 -6.68
N HIS A 337 13.09 -30.53 -6.30
CA HIS A 337 12.67 -31.78 -5.66
C HIS A 337 13.00 -33.01 -6.53
N GLU A 338 12.63 -32.91 -7.80
CA GLU A 338 12.91 -33.94 -8.78
C GLU A 338 14.41 -34.23 -8.88
N GLU A 339 15.24 -33.19 -8.89
CA GLU A 339 16.68 -33.39 -9.07
C GLU A 339 17.43 -33.84 -7.82
N PHE A 340 17.09 -33.28 -6.65
CA PHE A 340 17.81 -33.57 -5.41
C PHE A 340 16.99 -34.14 -4.28
N GLY A 341 15.66 -33.91 -4.29
CA GLY A 341 14.80 -34.31 -3.17
C GLY A 341 14.99 -33.31 -2.04
N PHE A 342 13.96 -33.13 -1.21
CA PHE A 342 14.01 -32.16 -0.11
C PHE A 342 14.25 -32.79 1.25
N GLY A 343 14.36 -34.11 1.29
CA GLY A 343 14.66 -34.81 2.53
C GLY A 343 13.65 -34.54 3.62
N SER A 344 14.13 -34.17 4.80
CA SER A 344 13.27 -33.91 5.96
C SER A 344 12.84 -32.42 6.11
N ALA A 345 13.08 -31.59 5.10
CA ALA A 345 12.74 -30.15 5.19
C ALA A 345 11.25 -29.92 5.38
N THR A 346 10.91 -29.00 6.28
CA THR A 346 9.54 -28.54 6.45
C THR A 346 9.38 -27.31 5.56
N LEU A 347 8.27 -27.21 4.88
CA LEU A 347 7.96 -26.04 4.06
C LEU A 347 7.17 -25.03 4.91
N ILE A 348 7.65 -23.79 4.98
CA ILE A 348 6.88 -22.73 5.61
C ILE A 348 6.49 -21.81 4.49
N GLY A 349 5.20 -21.72 4.24
CA GLY A 349 4.71 -20.91 3.17
C GLY A 349 3.51 -20.06 3.55
N SER A 350 3.29 -19.06 2.73
CA SER A 350 2.08 -18.28 2.78
C SER A 350 0.87 -19.20 2.51
N ASN A 351 -0.27 -18.88 3.11
CA ASN A 351 -1.47 -19.66 2.86
C ASN A 351 -1.92 -19.66 1.40
N THR A 352 -1.39 -18.71 0.62
CA THR A 352 -1.76 -18.61 -0.78
C THR A 352 -0.77 -19.26 -1.74
N VAL A 353 0.20 -20.03 -1.26
CA VAL A 353 1.09 -20.71 -2.19
C VAL A 353 0.32 -21.77 -2.98
N ASP A 354 0.85 -22.17 -4.12
CA ASP A 354 0.17 -23.18 -4.94
C ASP A 354 -0.15 -24.43 -4.11
N PRO A 355 -1.40 -24.92 -4.14
CA PRO A 355 -1.75 -26.11 -3.35
C PRO A 355 -0.90 -27.35 -3.62
N ARG A 356 -0.32 -27.44 -4.81
CA ARG A 356 0.52 -28.60 -5.17
C ARG A 356 1.89 -28.59 -4.48
N VAL A 357 2.22 -27.48 -3.84
CA VAL A 357 3.49 -27.38 -3.12
C VAL A 357 3.55 -28.40 -1.99
N ARG A 358 2.39 -28.67 -1.39
CA ARG A 358 2.27 -29.61 -0.29
C ARG A 358 2.86 -30.97 -0.63
N ASP A 359 2.47 -31.49 -1.80
CA ASP A 359 2.93 -32.79 -2.31
C ASP A 359 4.45 -32.98 -2.31
N LEU A 360 5.19 -31.90 -2.49
CA LEU A 360 6.65 -32.02 -2.57
C LEU A 360 7.32 -32.19 -1.23
N PHE A 361 6.55 -32.02 -0.16
CA PHE A 361 7.12 -32.04 1.18
C PHE A 361 6.39 -32.97 2.12
N GLU A 362 7.20 -33.68 2.90
CA GLU A 362 6.68 -34.46 4.01
C GLU A 362 5.70 -33.64 4.87
N ASP A 363 6.05 -32.38 5.15
CA ASP A 363 5.33 -31.56 6.11
C ASP A 363 5.29 -30.05 5.73
N VAL A 364 4.15 -29.42 6.01
CA VAL A 364 3.86 -28.07 5.57
C VAL A 364 3.27 -27.22 6.69
N VAL A 365 3.83 -26.03 6.87
CA VAL A 365 3.34 -25.04 7.80
C VAL A 365 2.99 -23.75 7.04
N TYR A 366 1.82 -23.19 7.33
CA TYR A 366 1.35 -22.00 6.68
C TYR A 366 1.33 -20.81 7.64
N TYR A 367 1.62 -19.63 7.14
CA TYR A 367 1.32 -18.41 7.88
C TYR A 367 0.30 -17.66 7.01
N PHE A 368 -0.42 -16.74 7.62
CA PHE A 368 -1.45 -16.02 6.92
C PHE A 368 -0.97 -14.67 6.45
N ARG A 369 -0.92 -14.52 5.13
CA ARG A 369 -0.46 -13.30 4.55
C ARG A 369 -1.58 -12.25 4.58
N PRO A 370 -1.30 -11.09 5.22
CA PRO A 370 -2.34 -10.10 5.42
C PRO A 370 -2.75 -9.31 4.16
N ALA A 371 -3.81 -8.52 4.29
CA ALA A 371 -4.22 -7.59 3.22
C ALA A 371 -4.68 -8.28 1.93
N LEU A 372 -5.42 -9.37 2.09
CA LEU A 372 -5.93 -10.13 0.95
C LEU A 372 -7.26 -10.70 1.35
N SER A 373 -8.07 -11.07 0.37
CA SER A 373 -9.35 -11.74 0.61
C SER A 373 -9.15 -13.04 1.41
N SER A 374 -8.06 -13.75 1.13
CA SER A 374 -7.74 -15.00 1.80
C SER A 374 -7.43 -14.78 3.29
N TYR A 375 -6.90 -13.61 3.64
CA TYR A 375 -6.62 -13.31 5.03
C TYR A 375 -7.93 -13.15 5.79
N ALA A 376 -8.81 -12.31 5.25
CA ALA A 376 -10.06 -12.02 5.90
C ALA A 376 -10.90 -13.27 6.02
N LEU A 377 -10.84 -14.14 5.04
CA LEU A 377 -11.73 -15.28 5.04
C LEU A 377 -11.18 -16.41 5.94
N PHE A 378 -9.88 -16.70 5.80
CA PHE A 378 -9.27 -17.88 6.41
C PHE A 378 -8.36 -17.71 7.63
N SER A 379 -7.87 -16.50 7.89
CA SER A 379 -7.00 -16.30 9.05
C SER A 379 -7.75 -16.55 10.33
N PRO A 380 -7.17 -17.36 11.24
CA PRO A 380 -7.79 -17.53 12.54
C PRO A 380 -7.32 -16.47 13.52
N GLY A 381 -6.54 -15.49 13.08
CA GLY A 381 -6.11 -14.40 13.95
C GLY A 381 -4.75 -13.82 13.61
N ILE A 382 -4.52 -12.62 14.14
CA ILE A 382 -3.30 -11.89 13.88
C ILE A 382 -2.04 -12.62 14.33
N GLU A 383 -2.13 -13.38 15.42
CA GLU A 383 -0.98 -14.15 15.91
C GLU A 383 -0.44 -15.24 14.96
N TYR A 384 -1.15 -15.54 13.87
CA TYR A 384 -0.72 -16.53 12.91
C TYR A 384 -0.25 -15.90 11.58
N SER A 385 -0.03 -14.60 11.58
CA SER A 385 0.47 -13.91 10.40
C SER A 385 1.86 -13.37 10.69
N LEU A 386 2.50 -12.89 9.63
CA LEU A 386 3.78 -12.25 9.72
C LEU A 386 3.68 -10.86 9.11
N ASP A 387 4.46 -9.94 9.68
CA ASP A 387 4.70 -8.62 9.15
C ASP A 387 5.99 -8.69 8.36
N ASP A 388 6.10 -7.84 7.34
CA ASP A 388 7.29 -7.74 6.51
C ASP A 388 7.67 -9.11 5.95
N SER A 389 6.67 -9.92 5.62
CA SER A 389 6.94 -11.23 5.01
C SER A 389 7.29 -11.06 3.55
N GLY A 390 7.01 -9.86 3.01
CA GLY A 390 7.36 -9.50 1.62
C GLY A 390 8.35 -8.33 1.62
N PRO A 391 8.74 -7.86 0.43
CA PRO A 391 8.23 -8.25 -0.89
C PRO A 391 8.79 -9.55 -1.47
N THR A 392 9.93 -10.04 -0.98
CA THR A 392 10.49 -11.29 -1.49
C THR A 392 10.67 -12.36 -0.37
N VAL A 393 11.03 -13.57 -0.82
CA VAL A 393 11.06 -14.75 0.03
C VAL A 393 12.14 -14.69 1.11
N THR A 394 13.16 -13.88 0.85
CA THR A 394 14.19 -13.62 1.85
C THR A 394 13.65 -12.86 3.05
N ASN A 395 12.66 -11.99 2.80
CA ASN A 395 11.95 -11.29 3.87
C ASN A 395 11.14 -12.29 4.66
N THR A 396 10.51 -13.22 3.96
CA THR A 396 9.66 -14.24 4.58
C THR A 396 10.45 -15.08 5.54
N GLY A 397 11.64 -15.53 5.11
CA GLY A 397 12.50 -16.34 5.97
C GLY A 397 13.02 -15.58 7.18
N THR A 398 13.40 -14.34 6.98
CA THR A 398 13.91 -13.53 8.09
C THR A 398 12.82 -13.27 9.11
N THR A 399 11.64 -12.89 8.65
CA THR A 399 10.57 -12.54 9.58
C THR A 399 10.04 -13.80 10.27
N ALA A 400 9.99 -14.91 9.52
CA ALA A 400 9.55 -16.20 10.09
C ALA A 400 10.50 -16.61 11.19
N ALA A 401 11.80 -16.45 10.95
CA ALA A 401 12.80 -16.85 11.93
C ALA A 401 12.69 -16.08 13.24
N LEU A 402 12.46 -14.78 13.12
CA LEU A 402 12.33 -13.93 14.31
C LEU A 402 11.03 -14.24 15.04
N ALA A 403 9.98 -14.52 14.28
CA ALA A 403 8.70 -14.86 14.87
C ALA A 403 8.77 -16.17 15.69
N LEU A 404 9.51 -17.15 15.18
CA LEU A 404 9.67 -18.43 15.85
C LEU A 404 10.55 -18.37 17.09
N GLY A 405 11.36 -17.33 17.21
CA GLY A 405 12.14 -17.12 18.41
C GLY A 405 13.62 -17.00 18.18
N PHE A 406 14.09 -17.24 16.97
CA PHE A 406 15.50 -17.12 16.68
C PHE A 406 15.96 -15.67 16.81
N ARG A 407 17.17 -15.49 17.32
CA ARG A 407 17.71 -14.18 17.61
C ARG A 407 19.11 -13.94 17.05
N GLU A 408 19.93 -14.98 16.97
CA GLU A 408 21.23 -14.90 16.37
C GLU A 408 21.05 -15.36 14.92
N LEU A 409 21.21 -14.42 13.99
CA LEU A 409 20.91 -14.66 12.59
C LEU A 409 22.12 -14.43 11.73
N TYR A 410 22.31 -15.30 10.75
CA TYR A 410 23.37 -15.13 9.77
C TYR A 410 22.74 -15.15 8.39
N LEU A 411 23.01 -14.09 7.62
CA LEU A 411 22.54 -14.03 6.25
C LEU A 411 23.62 -14.46 5.25
N PHE A 412 23.22 -15.36 4.36
CA PHE A 412 24.07 -15.82 3.28
C PHE A 412 23.27 -15.71 1.99
N GLY A 413 23.95 -15.31 0.91
CA GLY A 413 23.32 -15.18 -0.39
C GLY A 413 22.20 -14.17 -0.44
N VAL A 414 22.23 -13.21 0.48
CA VAL A 414 21.26 -12.11 0.53
C VAL A 414 22.05 -10.90 0.02
N ASP A 415 22.33 -10.93 -1.28
CA ASP A 415 23.17 -9.94 -1.94
C ASP A 415 22.37 -8.67 -2.25
N LEU A 416 21.25 -8.84 -2.94
CA LEU A 416 20.36 -7.72 -3.27
C LEU A 416 21.12 -6.65 -4.06
N GLY A 417 22.00 -7.13 -4.93
CA GLY A 417 22.83 -6.30 -5.77
C GLY A 417 24.16 -6.97 -6.08
N SER A 418 24.87 -6.41 -7.06
CA SER A 418 26.16 -6.93 -7.50
C SER A 418 27.24 -5.93 -7.24
N ARG A 419 28.35 -6.46 -6.77
CA ARG A 419 29.57 -5.73 -6.57
C ARG A 419 29.98 -5.02 -7.85
N ASN A 420 30.52 -3.82 -7.66
CA ASN A 420 31.00 -2.97 -8.73
C ASN A 420 32.07 -3.73 -9.55
N PRO A 421 31.73 -4.09 -10.79
CA PRO A 421 32.71 -4.83 -11.58
C PRO A 421 33.87 -3.97 -12.07
N ALA A 444 25.02 9.97 -23.69
CA ALA A 444 25.06 9.81 -25.13
C ALA A 444 24.62 8.39 -25.54
N MET A 445 23.58 7.90 -24.86
CA MET A 445 23.03 6.56 -25.12
C MET A 445 21.61 6.65 -25.68
N ASP A 446 21.23 5.62 -26.43
CA ASP A 446 19.93 5.55 -27.08
C ASP A 446 18.90 4.89 -26.17
N PHE A 447 19.29 3.74 -25.61
CA PHE A 447 18.44 2.99 -24.69
C PHE A 447 18.98 3.33 -23.33
N ASP A 448 18.36 4.36 -22.79
CA ASP A 448 18.91 5.13 -21.70
C ASP A 448 18.37 4.80 -20.31
N ALA A 449 17.60 3.72 -20.15
CA ALA A 449 17.04 3.40 -18.83
C ALA A 449 18.17 3.14 -17.81
N VAL A 450 17.93 3.49 -16.56
CA VAL A 450 18.91 3.27 -15.51
C VAL A 450 18.48 1.96 -14.88
N PHE A 451 19.38 0.99 -14.88
CA PHE A 451 19.02 -0.36 -14.42
C PHE A 451 19.29 -0.61 -12.95
N ASP A 452 20.07 0.30 -12.37
CA ASP A 452 20.73 0.03 -11.12
C ASP A 452 21.09 1.34 -10.47
N VAL A 453 21.04 1.38 -9.15
CA VAL A 453 21.58 2.49 -8.39
C VAL A 453 22.76 2.03 -7.52
N ARG A 454 23.72 2.91 -7.32
CA ARG A 454 24.88 2.63 -6.49
C ARG A 454 24.55 2.71 -4.98
N GLU A 455 24.87 1.66 -4.25
CA GLU A 455 24.53 1.58 -2.84
C GLU A 455 25.74 1.13 -2.04
N PRO A 456 25.85 1.56 -0.78
CA PRO A 456 26.98 1.08 0.00
C PRO A 456 26.90 -0.45 0.14
N GLY A 457 28.05 -1.09 0.09
CA GLY A 457 28.12 -2.53 0.14
C GLY A 457 28.30 -3.00 1.56
N ASN A 458 27.86 -4.23 1.83
CA ASN A 458 28.05 -4.83 3.14
C ASN A 458 29.53 -4.87 3.55
N PHE A 459 30.39 -5.23 2.60
CA PHE A 459 31.85 -5.24 2.85
C PHE A 459 32.49 -3.99 2.30
N GLY A 460 31.78 -2.88 2.41
CA GLY A 460 32.29 -1.59 1.97
C GLY A 460 32.21 -1.43 0.47
N GLY A 461 32.68 -0.31 -0.01
CA GLY A 461 32.58 -0.03 -1.42
C GLY A 461 31.14 0.14 -1.88
N VAL A 462 30.93 -0.22 -3.13
CA VAL A 462 29.69 0.06 -3.80
C VAL A 462 29.14 -1.20 -4.44
N VAL A 463 27.84 -1.38 -4.34
CA VAL A 463 27.18 -2.42 -5.09
C VAL A 463 26.04 -1.78 -5.88
N TYR A 464 25.76 -2.33 -7.05
CA TYR A 464 24.65 -1.91 -7.86
C TYR A 464 23.39 -2.72 -7.54
N SER A 465 22.31 -2.01 -7.31
CA SER A 465 21.08 -2.63 -6.89
C SER A 465 19.88 -2.04 -7.62
N GLU A 466 18.84 -2.82 -7.75
CA GLU A 466 17.61 -2.43 -8.40
C GLU A 466 16.61 -2.07 -7.34
N THR A 467 15.52 -1.47 -7.77
CA THR A 467 14.49 -0.95 -6.88
C THR A 467 13.81 -2.03 -6.02
N ILE A 468 13.48 -3.16 -6.61
CA ILE A 468 12.86 -4.26 -5.86
C ILE A 468 13.78 -4.78 -4.74
N MET A 469 15.08 -4.74 -5.03
CA MET A 469 16.07 -5.16 -4.05
C MET A 469 16.22 -4.16 -2.88
N LEU A 470 16.01 -2.88 -3.14
CA LEU A 470 16.10 -1.88 -2.08
C LEU A 470 14.90 -2.03 -1.13
N TRP A 471 13.73 -2.35 -1.68
CA TRP A 471 12.53 -2.59 -0.85
C TRP A 471 12.76 -3.81 0.00
N THR A 472 13.34 -4.84 -0.61
CA THR A 472 13.66 -6.05 0.11
C THR A 472 14.63 -5.72 1.20
N ARG A 473 15.69 -4.97 0.87
CA ARG A 473 16.68 -4.54 1.87
C ARG A 473 16.06 -3.75 3.00
N ASP A 474 15.18 -2.79 2.66
CA ASP A 474 14.54 -1.98 3.70
C ASP A 474 13.62 -2.84 4.58
N ALA A 475 12.95 -3.85 4.01
CA ALA A 475 12.04 -4.67 4.83
C ALA A 475 12.83 -5.57 5.81
N LEU A 476 14.00 -6.01 5.38
CA LEU A 476 14.89 -6.81 6.22
C LEU A 476 15.40 -6.02 7.40
N GLY A 477 15.90 -4.80 7.14
CA GLY A 477 16.39 -3.94 8.22
C GLY A 477 15.29 -3.59 9.19
N ARG A 478 14.14 -3.29 8.66
CA ARG A 478 13.03 -2.91 9.50
C ARG A 478 12.58 -4.10 10.40
N ILE A 479 12.39 -5.31 9.87
CA ILE A 479 11.94 -6.40 10.76
C ILE A 479 13.01 -6.73 11.78
N ILE A 480 14.26 -6.74 11.36
CA ILE A 480 15.34 -7.04 12.31
C ILE A 480 15.38 -6.00 13.42
N GLY A 481 15.25 -4.73 13.04
CA GLY A 481 15.19 -3.65 14.01
C GLY A 481 14.11 -3.78 15.08
N ARG A 482 12.95 -4.30 14.74
CA ARG A 482 11.89 -4.49 15.73
C ARG A 482 12.20 -5.54 16.82
N TYR A 483 13.24 -6.36 16.63
CA TYR A 483 13.61 -7.36 17.64
C TYR A 483 14.93 -7.07 18.33
N ARG A 484 15.49 -5.90 18.08
CA ARG A 484 16.71 -5.50 18.79
C ARG A 484 16.28 -4.97 20.16
N PRO A 485 17.17 -5.07 21.17
CA PRO A 485 18.53 -5.58 21.14
C PRO A 485 18.68 -7.09 21.31
N ALA A 486 17.61 -7.84 21.51
CA ALA A 486 17.71 -9.31 21.59
C ALA A 486 18.26 -9.92 20.29
N ALA A 487 17.76 -9.45 19.14
CA ALA A 487 18.27 -9.89 17.83
C ALA A 487 19.70 -9.45 17.59
N ASN A 488 20.52 -10.39 17.14
CA ASN A 488 21.89 -10.15 16.76
C ASN A 488 22.11 -10.73 15.34
N ALA A 489 22.07 -9.87 14.33
CA ALA A 489 22.14 -10.30 12.94
C ALA A 489 23.45 -9.98 12.24
N PHE A 490 24.00 -10.99 11.57
CA PHE A 490 25.25 -10.86 10.85
C PHE A 490 25.00 -11.06 9.37
N ASN A 491 25.66 -10.26 8.54
CA ASN A 491 25.50 -10.41 7.11
C ASN A 491 26.83 -10.88 6.58
N CYS A 492 26.86 -12.12 6.06
CA CYS A 492 28.04 -12.69 5.45
C CYS A 492 28.03 -12.56 3.91
N SER A 493 26.94 -12.00 3.37
CA SER A 493 26.77 -11.85 1.93
C SER A 493 27.61 -10.71 1.35
N ASP A 494 28.14 -10.91 0.15
CA ASP A 494 28.90 -9.84 -0.50
C ASP A 494 27.95 -9.03 -1.38
N GLY A 495 27.05 -8.27 -0.75
CA GLY A 495 26.07 -7.46 -1.49
C GLY A 495 25.86 -6.16 -0.75
N VAL A 496 24.63 -5.64 -0.77
CA VAL A 496 24.34 -4.38 -0.10
C VAL A 496 24.43 -4.46 1.42
N MET A 497 24.69 -3.31 2.02
CA MET A 497 24.61 -3.12 3.46
C MET A 497 23.13 -3.13 3.86
N ILE A 498 22.80 -3.94 4.85
CA ILE A 498 21.46 -4.00 5.40
C ILE A 498 21.50 -3.42 6.83
N GLU A 499 20.63 -2.45 7.10
CA GLU A 499 20.51 -1.89 8.45
C GLU A 499 20.24 -2.97 9.49
N ASN A 500 20.71 -2.71 10.70
CA ASN A 500 20.56 -3.59 11.84
C ASN A 500 21.25 -4.93 11.69
N THR A 501 22.30 -4.98 10.87
CA THR A 501 23.11 -6.20 10.69
C THR A 501 24.54 -5.79 10.81
N ARG A 502 25.42 -6.71 11.20
CA ARG A 502 26.85 -6.41 11.23
C ARG A 502 27.52 -7.22 10.14
N PRO A 503 28.36 -6.59 9.33
CA PRO A 503 29.11 -7.34 8.34
C PRO A 503 29.97 -8.39 9.02
N LEU A 504 30.11 -9.55 8.42
CA LEU A 504 30.92 -10.60 9.01
C LEU A 504 31.35 -11.51 7.88
N SER A 505 32.66 -11.65 7.72
CA SER A 505 33.23 -12.61 6.79
C SER A 505 32.89 -13.99 7.34
N SER A 506 32.44 -14.89 6.47
CA SER A 506 32.09 -16.24 6.90
C SER A 506 33.29 -17.01 7.48
N GLN A 507 34.52 -16.57 7.16
CA GLN A 507 35.71 -17.14 7.79
C GLN A 507 35.84 -16.75 9.26
N SER A 508 35.19 -15.67 9.68
CA SER A 508 35.25 -15.24 11.09
C SER A 508 34.12 -15.79 11.91
N LEU A 509 33.17 -16.48 11.27
CA LEU A 509 32.02 -17.02 11.98
C LEU A 509 32.42 -18.12 12.94
N ARG A 510 32.08 -17.97 14.21
CA ARG A 510 32.28 -19.01 15.25
C ARG A 510 30.97 -19.11 16.00
N LEU A 511 30.42 -20.31 16.09
CA LEU A 511 29.16 -20.51 16.78
C LEU A 511 29.40 -21.11 18.17
N LYS A 512 28.49 -20.85 19.09
CA LYS A 512 28.57 -21.38 20.44
C LYS A 512 27.63 -22.57 20.62
N SER A 513 26.90 -22.94 19.57
CA SER A 513 25.87 -23.97 19.68
C SER A 513 26.40 -25.38 19.49
N THR A 514 25.53 -26.34 19.76
CA THR A 514 25.80 -27.77 19.57
C THR A 514 24.66 -28.45 18.81
N PRO A 515 24.90 -29.67 18.30
CA PRO A 515 23.78 -30.39 17.67
C PRO A 515 22.61 -30.63 18.64
N ASP A 516 22.90 -30.87 19.92
CA ASP A 516 21.83 -31.06 20.94
C ASP A 516 20.98 -29.81 21.11
N MET A 517 21.63 -28.65 21.15
CA MET A 517 20.94 -27.37 21.28
C MET A 517 20.01 -27.17 20.09
N LYS A 518 20.51 -27.49 18.90
CA LYS A 518 19.74 -27.41 17.66
C LYS A 518 18.51 -28.30 17.73
N ALA A 519 18.70 -29.56 18.14
CA ALA A 519 17.58 -30.51 18.28
C ALA A 519 16.57 -30.03 19.30
N LYS A 520 17.05 -29.44 20.38
CA LYS A 520 16.18 -28.88 21.41
C LYS A 520 15.33 -27.77 20.79
N ASP A 521 16.01 -26.82 20.17
CA ASP A 521 15.32 -25.68 19.57
C ASP A 521 14.37 -26.05 18.44
N LEU A 522 14.69 -27.05 17.62
CA LEU A 522 13.73 -27.53 16.62
C LEU A 522 12.51 -28.20 17.25
N ALA A 523 12.72 -28.89 18.37
CA ALA A 523 11.60 -29.47 19.11
C ALA A 523 10.67 -28.34 19.60
N LYS A 524 11.22 -27.24 20.12
CA LYS A 524 10.39 -26.10 20.54
C LYS A 524 9.60 -25.52 19.39
N VAL A 525 10.29 -25.27 18.29
CA VAL A 525 9.63 -24.76 17.11
C VAL A 525 8.48 -25.68 16.70
N ARG A 526 8.79 -26.96 16.56
CA ARG A 526 7.83 -27.96 16.12
C ARG A 526 6.61 -28.01 17.05
N ALA A 527 6.85 -27.91 18.35
CA ALA A 527 5.77 -27.93 19.32
C ALA A 527 4.89 -26.71 19.22
N SER A 528 5.40 -25.60 18.69
CA SER A 528 4.63 -24.34 18.59
C SER A 528 3.70 -24.28 17.34
N PHE A 529 4.01 -25.07 16.32
CA PHE A 529 3.12 -25.19 15.19
C PHE A 529 1.76 -25.80 15.61
N ARG A 530 0.70 -25.00 15.49
CA ARG A 530 -0.66 -25.46 15.72
C ARG A 530 -1.15 -26.34 14.55
N PRO A 531 -1.55 -27.59 14.81
CA PRO A 531 -2.05 -28.44 13.71
C PRO A 531 -3.33 -27.91 13.07
N GLY A 532 -3.46 -28.06 11.76
CA GLY A 532 -4.64 -27.61 11.04
C GLY A 532 -5.52 -28.78 10.59
N GLY A 533 -6.74 -28.83 11.07
CA GLY A 533 -7.68 -29.87 10.64
C GLY A 533 -8.72 -29.31 9.67
N GLU A 534 -9.78 -30.07 9.48
CA GLU A 534 -10.92 -29.62 8.72
C GLU A 534 -11.77 -28.75 9.60
N GLU A 535 -11.62 -28.91 10.92
CA GLU A 535 -12.35 -28.09 11.88
C GLU A 535 -12.07 -26.62 11.56
N LEU A 536 -10.80 -26.29 11.37
CA LEU A 536 -10.42 -24.92 11.09
C LEU A 536 -11.03 -24.45 9.78
N PHE A 537 -10.90 -25.28 8.75
CA PHE A 537 -11.49 -24.91 7.48
C PHE A 537 -12.99 -24.58 7.61
N HIS A 538 -13.75 -25.45 8.24
CA HIS A 538 -15.20 -25.25 8.34
C HIS A 538 -15.55 -24.06 9.20
N ASP A 539 -14.82 -23.87 10.30
CA ASP A 539 -15.01 -22.72 11.14
C ASP A 539 -14.91 -21.43 10.32
N ARG A 540 -13.85 -21.31 9.51
CA ARG A 540 -13.66 -20.13 8.67
C ARG A 540 -14.65 -20.08 7.49
N TRP A 541 -14.71 -21.12 6.67
CA TRP A 541 -15.56 -21.12 5.46
C TRP A 541 -17.06 -20.98 5.67
N ASP A 542 -17.62 -21.73 6.62
CA ASP A 542 -19.07 -21.82 6.83
C ASP A 542 -19.71 -20.64 7.55
N ARG A 543 -18.93 -19.68 8.03
CA ARG A 543 -19.49 -18.62 8.88
C ARG A 543 -20.22 -17.50 8.12
N GLU A 544 -20.14 -17.54 6.79
CA GLU A 544 -20.82 -16.55 5.96
C GLU A 544 -21.02 -17.07 4.54
N ASP A 545 -22.12 -16.66 3.91
CA ASP A 545 -22.38 -16.98 2.51
C ASP A 545 -21.59 -15.94 1.68
N TRP A 546 -20.40 -16.34 1.23
CA TRP A 546 -19.47 -15.42 0.58
C TRP A 546 -19.98 -14.83 -0.74
N PRO A 547 -20.43 -15.67 -1.69
CA PRO A 547 -20.88 -15.08 -2.92
C PRO A 547 -22.04 -14.13 -2.70
N ARG A 548 -22.90 -14.47 -1.74
CA ARG A 548 -24.06 -13.64 -1.46
C ARG A 548 -23.64 -12.25 -0.98
N SER A 549 -22.69 -12.20 -0.04
CA SER A 549 -22.10 -10.94 0.42
C SER A 549 -21.52 -10.09 -0.70
N ILE A 550 -20.84 -10.75 -1.63
CA ILE A 550 -20.18 -10.06 -2.71
C ILE A 550 -21.21 -9.48 -3.66
N VAL A 551 -22.15 -10.32 -4.06
CA VAL A 551 -23.21 -9.91 -4.98
C VAL A 551 -24.07 -8.79 -4.39
N THR A 552 -24.29 -8.83 -3.09
CA THR A 552 -24.98 -7.77 -2.35
C THR A 552 -24.20 -6.45 -2.43
N LEU A 553 -22.89 -6.53 -2.18
CA LEU A 553 -22.04 -5.35 -2.28
C LEU A 553 -22.04 -4.76 -3.70
N LEU A 554 -21.95 -5.62 -4.69
CA LEU A 554 -21.95 -5.20 -6.08
C LEU A 554 -23.25 -4.51 -6.40
N GLY A 555 -24.36 -5.07 -5.92
CA GLY A 555 -25.66 -4.48 -6.13
C GLY A 555 -25.71 -3.07 -5.57
N GLU A 556 -25.12 -2.87 -4.39
CA GLU A 556 -25.13 -1.56 -3.73
C GLU A 556 -24.30 -0.52 -4.51
N CYS A 557 -23.22 -0.96 -5.15
CA CYS A 557 -22.41 -0.07 -5.99
C CYS A 557 -23.10 0.29 -7.29
N ALA A 558 -23.84 -0.66 -7.84
CA ALA A 558 -24.61 -0.43 -9.06
C ALA A 558 -25.65 0.62 -8.77
N GLN A 559 -26.33 0.46 -7.64
CA GLN A 559 -27.37 1.38 -7.22
C GLN A 559 -26.83 2.80 -6.97
N ALA A 560 -25.63 2.86 -6.37
CA ALA A 560 -24.95 4.13 -6.12
C ALA A 560 -24.71 4.87 -7.42
N MET A 561 -24.22 4.17 -8.43
CA MET A 561 -24.02 4.76 -9.76
C MET A 561 -25.35 5.30 -10.32
N ASP A 562 -26.45 4.54 -10.20
CA ASP A 562 -27.77 5.03 -10.66
C ASP A 562 -28.23 6.25 -9.88
N ASP A 563 -27.99 6.28 -8.58
CA ASP A 563 -28.46 7.40 -7.78
C ASP A 563 -27.59 8.63 -7.98
N HIS A 564 -26.31 8.48 -8.34
CA HIS A 564 -25.43 9.65 -8.36
C HIS A 564 -24.71 9.94 -9.67
N VAL A 565 -25.09 9.23 -10.73
CA VAL A 565 -24.60 9.49 -12.06
C VAL A 565 -24.68 11.00 -12.31
N GLY A 566 -23.58 11.58 -12.78
CA GLY A 566 -23.53 13.02 -13.08
C GLY A 566 -22.93 13.85 -11.96
N ASP A 567 -22.86 13.33 -10.73
CA ASP A 567 -22.33 14.06 -9.59
C ASP A 567 -21.08 13.32 -9.13
N SER A 568 -19.94 13.71 -9.71
CA SER A 568 -18.68 12.98 -9.56
C SER A 568 -18.27 12.79 -8.12
N ASN A 569 -18.22 13.89 -7.40
CA ASN A 569 -17.72 13.84 -6.06
C ASN A 569 -18.64 13.05 -5.11
N ARG A 570 -19.94 13.27 -5.20
CA ARG A 570 -20.89 12.56 -4.36
C ARG A 570 -20.83 11.05 -4.66
N LEU A 571 -20.81 10.71 -5.94
CA LEU A 571 -20.70 9.32 -6.37
C LEU A 571 -19.47 8.66 -5.81
N MET A 572 -18.34 9.36 -5.87
CA MET A 572 -17.06 8.82 -5.32
C MET A 572 -17.11 8.67 -3.83
N LEU A 573 -17.69 9.65 -3.14
CA LEU A 573 -17.84 9.56 -1.68
C LEU A 573 -18.67 8.36 -1.32
N VAL A 574 -19.75 8.12 -2.06
CA VAL A 574 -20.61 6.98 -1.77
C VAL A 574 -19.90 5.65 -2.02
N LEU A 575 -19.18 5.53 -3.12
CA LEU A 575 -18.48 4.28 -3.43
C LEU A 575 -17.34 4.03 -2.43
N SER A 576 -16.61 5.08 -2.09
CA SER A 576 -15.52 4.92 -1.13
C SER A 576 -16.04 4.38 0.19
N GLU A 577 -17.09 5.01 0.71
CA GLU A 577 -17.70 4.56 1.97
C GLU A 577 -18.07 3.07 1.95
N MET A 578 -18.61 2.60 0.83
CA MET A 578 -18.95 1.19 0.68
C MET A 578 -17.75 0.27 0.51
N LEU A 579 -16.67 0.74 -0.10
CA LEU A 579 -15.58 -0.15 -0.47
C LEU A 579 -14.31 -0.08 0.37
N LEU A 580 -13.98 1.13 0.84
CA LEU A 580 -12.73 1.39 1.59
C LEU A 580 -13.04 1.46 3.08
N ARG A 581 -12.78 2.60 3.73
CA ARG A 581 -13.07 2.78 5.17
C ARG A 581 -12.37 1.69 5.99
N ASP A 582 -11.08 1.48 5.71
CA ASP A 582 -10.30 0.41 6.35
C ASP A 582 -10.09 0.62 7.86
N TYR A 583 -9.99 1.87 8.29
CA TYR A 583 -9.70 2.18 9.69
C TYR A 583 -10.76 1.73 10.70
N LYS A 584 -12.02 2.08 10.45
CA LYS A 584 -13.12 1.78 11.38
C LYS A 584 -13.21 0.30 11.78
N GLN A 585 -13.16 -0.58 10.78
CA GLN A 585 -13.15 -2.05 10.98
C GLN A 585 -12.32 -2.64 9.85
N PRO A 586 -11.84 -3.89 9.99
CA PRO A 586 -11.03 -4.37 8.87
C PRO A 586 -11.91 -4.63 7.63
N PRO A 587 -11.29 -4.69 6.45
CA PRO A 587 -12.13 -4.94 5.28
C PRO A 587 -12.77 -6.32 5.30
N THR A 588 -13.99 -6.42 4.82
CA THR A 588 -14.66 -7.70 4.66
C THR A 588 -14.08 -8.43 3.45
N VAL A 589 -14.37 -9.72 3.38
CA VAL A 589 -14.03 -10.52 2.22
C VAL A 589 -14.64 -9.91 0.94
N ALA A 590 -15.92 -9.56 1.01
CA ALA A 590 -16.60 -8.93 -0.13
C ALA A 590 -15.86 -7.70 -0.62
N GLN A 591 -15.43 -6.86 0.32
CA GLN A 591 -14.70 -5.66 -0.05
C GLN A 591 -13.35 -5.95 -0.69
N PHE A 592 -12.64 -6.93 -0.16
CA PHE A 592 -11.38 -7.32 -0.76
C PHE A 592 -11.60 -7.84 -2.16
N PHE A 593 -12.67 -8.58 -2.37
CA PHE A 593 -12.93 -9.15 -3.70
C PHE A 593 -13.13 -8.13 -4.81
N VAL A 594 -13.86 -7.06 -4.52
CA VAL A 594 -14.30 -6.15 -5.57
C VAL A 594 -13.73 -4.73 -5.57
N ARG A 595 -13.20 -4.26 -4.46
CA ARG A 595 -12.80 -2.83 -4.38
C ARG A 595 -11.74 -2.39 -5.38
N GLY A 596 -10.77 -3.25 -5.68
CA GLY A 596 -9.69 -2.88 -6.59
C GLY A 596 -10.24 -2.68 -7.97
N THR A 597 -11.09 -3.61 -8.39
CA THR A 597 -11.65 -3.56 -9.71
C THR A 597 -12.58 -2.36 -9.85
N LEU A 598 -13.55 -2.20 -8.95
CA LEU A 598 -14.47 -1.06 -9.00
C LEU A 598 -13.80 0.33 -8.90
N MET A 599 -12.79 0.45 -8.03
CA MET A 599 -12.09 1.73 -7.86
C MET A 599 -11.24 2.09 -9.07
N MET A 600 -10.70 1.10 -9.74
CA MET A 600 -9.96 1.37 -10.94
C MET A 600 -10.89 1.77 -12.05
N ALA A 601 -12.07 1.15 -12.12
CA ALA A 601 -13.07 1.56 -13.09
C ALA A 601 -13.45 3.03 -12.84
N ALA A 602 -13.63 3.40 -11.58
CA ALA A 602 -13.98 4.78 -11.22
C ALA A 602 -12.90 5.76 -11.59
N MET A 603 -11.67 5.35 -11.42
CA MET A 603 -10.54 6.18 -11.78
C MET A 603 -10.54 6.47 -13.27
N CYS A 604 -10.81 5.42 -14.06
CA CYS A 604 -10.89 5.50 -15.53
C CYS A 604 -12.00 6.44 -15.99
N TYR A 605 -13.24 6.21 -15.54
CA TYR A 605 -14.28 7.09 -15.99
C TYR A 605 -14.10 8.53 -15.48
N ASP A 606 -13.57 8.69 -14.28
CA ASP A 606 -13.40 10.01 -13.70
C ASP A 606 -12.43 10.84 -14.54
N TYR A 607 -11.38 10.20 -15.02
CA TYR A 607 -10.40 10.85 -15.85
C TYR A 607 -11.06 11.34 -17.13
N TYR A 608 -11.81 10.48 -17.79
CA TYR A 608 -12.37 10.84 -19.09
C TYR A 608 -13.58 11.77 -19.07
N VAL A 609 -14.45 11.67 -18.06
CA VAL A 609 -15.61 12.58 -18.03
C VAL A 609 -15.25 14.06 -17.92
N LYS A 610 -14.17 14.38 -17.20
CA LYS A 610 -13.70 15.76 -17.12
C LYS A 610 -13.16 16.29 -18.45
N ARG A 611 -12.84 15.40 -19.38
CA ARG A 611 -12.15 15.76 -20.61
C ARG A 611 -13.01 15.55 -21.85
N VAL A 612 -14.23 15.06 -21.66
CA VAL A 612 -15.09 14.79 -22.79
C VAL A 612 -15.60 16.09 -23.45
N THR A 613 -15.51 16.14 -24.78
CA THR A 613 -16.09 17.24 -25.57
C THR A 613 -16.94 16.64 -26.68
N PRO A 614 -17.95 17.39 -27.14
CA PRO A 614 -18.39 18.72 -26.70
C PRO A 614 -18.99 18.73 -25.29
N ALA A 615 -18.63 19.76 -24.52
CA ALA A 615 -19.04 19.85 -23.13
C ALA A 615 -20.56 19.76 -22.90
N ASP A 616 -21.36 20.30 -23.81
CA ASP A 616 -22.82 20.23 -23.66
C ASP A 616 -23.40 18.83 -23.92
N ARG A 617 -22.57 17.89 -24.36
CA ARG A 617 -22.99 16.50 -24.51
C ARG A 617 -22.37 15.61 -23.40
N LYS A 618 -21.85 16.23 -22.35
CA LYS A 618 -21.25 15.49 -21.24
C LYS A 618 -22.21 14.45 -20.62
N ALA A 619 -23.49 14.82 -20.48
CA ALA A 619 -24.52 13.92 -19.92
C ALA A 619 -24.65 12.61 -20.68
N GLU A 620 -24.42 12.65 -21.99
CA GLU A 620 -24.45 11.44 -22.81
C GLU A 620 -23.34 10.51 -22.39
N PHE A 621 -22.18 11.07 -22.07
CA PHE A 621 -21.06 10.24 -21.65
C PHE A 621 -21.31 9.68 -20.26
N TRP A 622 -21.92 10.49 -19.40
CA TRP A 622 -22.35 10.00 -18.10
C TRP A 622 -23.31 8.80 -18.24
N GLU A 623 -24.24 8.86 -19.18
CA GLU A 623 -25.16 7.74 -19.40
C GLU A 623 -24.38 6.49 -19.88
N ILE A 624 -23.44 6.68 -20.79
CA ILE A 624 -22.55 5.60 -21.22
C ILE A 624 -21.82 4.95 -20.05
N ILE A 625 -21.28 5.78 -19.17
CA ILE A 625 -20.55 5.30 -18.01
C ILE A 625 -21.46 4.49 -17.08
N ARG A 626 -22.68 4.98 -16.90
CA ARG A 626 -23.64 4.33 -16.04
C ARG A 626 -23.95 2.96 -16.58
N ASP A 627 -24.25 2.90 -17.86
CA ASP A 627 -24.67 1.66 -18.48
C ASP A 627 -23.54 0.61 -18.49
N GLU A 628 -22.34 1.02 -18.87
CA GLU A 628 -21.19 0.12 -18.87
C GLU A 628 -20.77 -0.26 -17.46
N PHE A 629 -20.93 0.65 -16.51
CA PHE A 629 -20.62 0.30 -15.13
C PHE A 629 -21.51 -0.86 -14.69
N HIS A 630 -22.80 -0.80 -15.06
CA HIS A 630 -23.76 -1.89 -14.80
C HIS A 630 -23.39 -3.20 -15.49
N GLN A 631 -23.03 -3.14 -16.77
CA GLN A 631 -22.59 -4.34 -17.47
C GLN A 631 -21.37 -4.94 -16.76
N MET A 632 -20.43 -4.09 -16.32
CA MET A 632 -19.27 -4.58 -15.61
C MET A 632 -19.68 -5.28 -14.32
N ILE A 633 -20.56 -4.65 -13.55
CA ILE A 633 -21.02 -5.22 -12.31
C ILE A 633 -21.79 -6.53 -12.56
N ARG A 634 -22.52 -6.60 -13.67
CA ARG A 634 -23.20 -7.84 -14.07
C ARG A 634 -22.21 -8.98 -14.38
N VAL A 635 -21.19 -8.69 -15.19
CA VAL A 635 -20.16 -9.68 -15.46
C VAL A 635 -19.44 -10.12 -14.16
N MET A 636 -19.12 -9.19 -13.29
CA MET A 636 -18.46 -9.51 -12.03
C MET A 636 -19.35 -10.40 -11.16
N THR A 637 -20.64 -10.08 -11.13
CA THR A 637 -21.62 -10.81 -10.38
C THR A 637 -21.64 -12.27 -10.84
N LEU A 638 -21.73 -12.47 -12.15
CA LEU A 638 -21.76 -13.83 -12.71
C LEU A 638 -20.47 -14.57 -12.48
N GLN A 639 -19.34 -13.87 -12.54
CA GLN A 639 -18.03 -14.52 -12.34
C GLN A 639 -17.87 -15.01 -10.91
N VAL A 640 -18.32 -14.19 -9.98
CA VAL A 640 -18.24 -14.50 -8.57
C VAL A 640 -19.05 -15.75 -8.24
N GLU A 641 -20.27 -15.82 -8.76
CA GLU A 641 -21.18 -16.94 -8.50
C GLU A 641 -20.66 -18.22 -9.11
N TRP A 642 -20.18 -18.13 -10.35
CA TRP A 642 -19.52 -19.25 -11.01
C TRP A 642 -18.26 -19.70 -10.26
N TYR A 643 -17.48 -18.75 -9.76
CA TYR A 643 -16.23 -19.06 -9.07
C TYR A 643 -16.45 -19.79 -7.77
N PHE A 644 -17.38 -19.31 -6.95
CA PHE A 644 -17.69 -19.95 -5.70
C PHE A 644 -18.32 -21.33 -5.89
N ASP A 645 -19.11 -21.50 -6.95
CA ASP A 645 -19.65 -22.82 -7.28
C ASP A 645 -18.56 -23.85 -7.65
N ASN A 646 -17.44 -23.40 -8.22
CA ASN A 646 -16.40 -24.30 -8.72
C ASN A 646 -15.04 -24.18 -8.05
N ILE A 647 -14.98 -23.48 -6.92
CA ILE A 647 -13.72 -23.19 -6.25
C ILE A 647 -12.87 -24.45 -6.00
N GLU A 648 -13.53 -25.55 -5.66
CA GLU A 648 -12.87 -26.82 -5.35
C GLU A 648 -12.41 -27.56 -6.60
N ALA A 649 -13.16 -27.41 -7.68
CA ALA A 649 -12.94 -28.20 -8.89
C ALA A 649 -11.82 -27.68 -9.80
N PHE A 650 -11.43 -26.41 -9.68
CA PHE A 650 -10.33 -25.91 -10.51
C PHE A 650 -9.09 -26.75 -10.24
N GLU A 651 -8.48 -27.31 -11.28
CA GLU A 651 -7.27 -28.14 -11.11
C GLU A 651 -6.02 -27.33 -10.76
N SER A 652 -5.98 -26.06 -11.17
CA SER A 652 -4.86 -25.17 -10.87
C SER A 652 -5.21 -23.71 -11.12
N ASP A 653 -4.34 -22.83 -10.67
CA ASP A 653 -4.49 -21.39 -10.88
C ASP A 653 -4.58 -21.03 -12.36
N GLU A 654 -3.85 -21.77 -13.19
CA GLU A 654 -3.78 -21.50 -14.63
C GLU A 654 -5.06 -21.91 -15.31
N GLU A 655 -5.77 -22.90 -14.77
CA GLU A 655 -7.07 -23.26 -15.34
C GLU A 655 -8.05 -22.13 -15.06
N LEU A 656 -8.10 -21.69 -13.81
CA LEU A 656 -8.99 -20.61 -13.38
C LEU A 656 -8.76 -19.33 -14.19
N PHE A 657 -7.48 -18.95 -14.31
CA PHE A 657 -7.07 -17.76 -15.03
C PHE A 657 -7.42 -17.85 -16.51
N ASP A 658 -7.20 -19.00 -17.12
CA ASP A 658 -7.56 -19.21 -18.53
C ASP A 658 -9.06 -19.01 -18.78
N LYS A 659 -9.88 -19.52 -17.88
CA LYS A 659 -11.33 -19.44 -18.02
C LYS A 659 -11.94 -18.06 -17.75
N VAL A 660 -11.54 -17.35 -16.69
CA VAL A 660 -12.02 -15.98 -16.53
C VAL A 660 -11.51 -15.10 -17.68
N THR A 661 -10.29 -15.39 -18.15
CA THR A 661 -9.71 -14.68 -19.29
C THR A 661 -10.56 -14.90 -20.53
N GLY A 662 -11.00 -16.13 -20.75
CA GLY A 662 -11.81 -16.48 -21.92
C GLY A 662 -13.30 -16.20 -21.77
N TRP A 663 -13.68 -15.51 -20.71
CA TRP A 663 -15.08 -15.19 -20.42
C TRP A 663 -15.68 -14.37 -21.58
N ASP A 664 -16.66 -14.95 -22.28
CA ASP A 664 -17.30 -14.28 -23.43
C ASP A 664 -18.67 -13.69 -23.03
S SO4 B . 13.92 -16.59 -5.19
O1 SO4 B . 14.88 -16.42 -4.07
O2 SO4 B . 14.71 -16.50 -6.46
O3 SO4 B . 12.90 -15.49 -5.14
O4 SO4 B . 13.22 -17.90 -5.01
CL CL C . 13.03 -14.90 26.79
CL CL D . 33.66 -0.99 -4.91
C1 PGE E . 6.55 36.02 7.99
O1 PGE E . 6.19 36.82 6.87
C2 PGE E . 6.20 36.77 9.27
O2 PGE E . 5.50 35.91 10.18
C3 PGE E . 6.32 34.87 10.73
C4 PGE E . 5.71 34.44 12.07
O4 PGE E . 5.74 30.85 14.77
C6 PGE E . 6.74 31.82 14.44
C5 PGE E . 6.13 33.18 14.08
O3 PGE E . 6.60 33.58 12.78
O1 PG4 F . 39.98 -7.42 -3.72
C1 PG4 F . 39.49 -6.68 -2.60
C2 PG4 F . 38.25 -5.86 -2.97
O2 PG4 F . 37.50 -5.58 -1.77
C3 PG4 F . 36.09 -5.85 -1.84
C4 PG4 F . 35.62 -6.38 -0.49
O3 PG4 F . 34.75 -7.51 -0.68
C5 PG4 F . 34.81 -8.52 0.33
C6 PG4 F . 34.53 -9.91 -0.26
O4 PG4 F . 35.47 -10.83 0.28
C7 PG4 F . 35.63 -12.05 -0.45
C8 PG4 F . 37.10 -12.48 -0.45
O5 PG4 F . 37.64 -12.63 -1.78
C1 EDO G . 33.69 3.90 -10.15
O1 EDO G . 33.40 3.07 -11.28
C2 EDO G . 34.56 3.14 -9.17
O2 EDO G . 33.86 3.04 -7.92
C1 EDO H . -14.24 -14.16 12.55
O1 EDO H . -13.47 -14.41 13.72
C2 EDO H . -15.56 -13.53 12.92
O2 EDO H . -16.05 -12.74 11.82
C1 EDO I . -10.03 15.86 15.65
O1 EDO I . -9.98 15.87 17.07
C2 EDO I . -8.57 15.80 15.27
O2 EDO I . -7.96 17.07 15.62
C1 EDO J . 7.62 -7.56 16.75
O1 EDO J . 6.47 -7.95 15.98
C2 EDO J . 7.52 -8.08 18.18
O2 EDO J . 8.71 -7.78 18.93
#